data_6V7J
#
_entry.id   6V7J
#
_cell.length_a   136.347
_cell.length_b   149.247
_cell.length_c   128.046
_cell.angle_alpha   90.000
_cell.angle_beta   90.000
_cell.angle_gamma   90.000
#
_symmetry.space_group_name_H-M   'C 2 2 21'
#
loop_
_entity.id
_entity.type
_entity.pdbx_description
1 polymer Canavalin
2 non-polymer 'BENZOIC ACID'
3 non-polymer GLYCEROL
4 non-polymer 'CALCIUM ION'
5 water water
#
_entity_poly.entity_id   1
_entity_poly.type   'polypeptide(L)'
_entity_poly.pdbx_seq_one_letter_code
;MAFSARFPLWLLLGVVLLASVSASFAHSGHSGGEAEDESEESRAQNNPYLFRSNKFLTLFKNQHGSLRLLQRFNEDTEKL
ENLRDYRVLEYCSKPNTLLLPHHSDSDLLVLVLEGQAILVLVNPDGRDTYKLDQGDAIKIQAGTPFYLINPDNNQNLRIL
KFAITFRRPGTVEDFFLSSTKRLPSYLSAFSKNFLEASYDSPYDEIEQTLLQEEQEGVIVKMPKDQIQEISKHAQSSSRK
TLSSQDKPFNLRSRDPIYSNNYGKLYEITPEKNSQLRDLDILLN(OCS)LQMNEGALFVPHYNSRATVILVANEGRAEVE
LVGLEQQQQQGLESMQLRRYAATLSEGDIIVIPSSFPVALKAASDLNMVGIGVNAENNERNFLAGHKENVIRQIPRQVSD
LTFPGSGEEVEELLENQKESYFVDGQPRHIDAGGKARRAHLPNLFRTFY
;
_entity_poly.pdbx_strand_id   A,B,C
#
loop_
_chem_comp.id
_chem_comp.type
_chem_comp.name
_chem_comp.formula
BEZ non-polymer 'BENZOIC ACID' 'C7 H6 O2'
CA non-polymer 'CALCIUM ION' 'Ca 2'
GOL non-polymer GLYCEROL 'C3 H8 O3'
#
# COMPACT_ATOMS: atom_id res chain seq x y z
N ASN A 46 0.60 30.43 2.77
CA ASN A 46 2.00 30.76 3.15
C ASN A 46 2.75 29.46 3.43
N ASN A 47 3.20 28.80 2.38
CA ASN A 47 4.21 27.70 2.45
C ASN A 47 3.69 26.52 3.26
N PRO A 48 2.99 25.58 2.62
CA PRO A 48 2.51 24.38 3.30
C PRO A 48 3.62 23.34 3.57
N TYR A 49 4.84 23.57 3.06
CA TYR A 49 6.00 22.65 3.20
C TYR A 49 6.88 23.02 4.39
N LEU A 50 6.66 24.19 5.00
CA LEU A 50 7.54 24.74 6.07
C LEU A 50 6.94 24.44 7.44
N PHE A 51 7.72 23.83 8.33
CA PHE A 51 7.29 23.48 9.71
C PHE A 51 8.30 24.09 10.69
N ARG A 52 7.97 25.25 11.26
CA ARG A 52 8.79 25.97 12.27
C ARG A 52 8.78 25.18 13.59
N SER A 53 9.84 25.35 14.38
CA SER A 53 10.02 24.72 15.73
C SER A 53 8.73 24.84 16.55
N ASN A 54 7.93 25.88 16.31
CA ASN A 54 6.72 26.19 17.10
C ASN A 54 5.52 25.35 16.67
N LYS A 55 5.63 24.52 15.62
CA LYS A 55 4.53 23.64 15.14
C LYS A 55 4.72 22.23 15.72
N PHE A 56 5.61 22.12 16.70
CA PHE A 56 5.84 20.91 17.53
C PHE A 56 5.01 21.06 18.81
N LEU A 57 4.30 20.00 19.19
CA LEU A 57 3.61 19.90 20.50
C LEU A 57 4.59 19.33 21.52
N THR A 58 4.66 19.92 22.72
CA THR A 58 5.42 19.37 23.87
C THR A 58 4.62 18.22 24.48
N LEU A 59 5.12 16.98 24.36
CA LEU A 59 4.45 15.76 24.90
C LEU A 59 4.78 15.67 26.39
N PHE A 60 6.04 15.95 26.72
CA PHE A 60 6.56 15.94 28.11
C PHE A 60 7.78 16.87 28.20
N LYS A 61 7.86 17.62 29.29
CA LYS A 61 9.02 18.48 29.60
C LYS A 61 9.13 18.66 31.12
N ASN A 62 10.35 18.55 31.65
CA ASN A 62 10.73 18.90 33.04
C ASN A 62 12.13 19.51 32.97
N GLN A 63 12.80 19.63 34.11
CA GLN A 63 14.13 20.31 34.19
C GLN A 63 15.19 19.38 33.59
N HIS A 64 14.90 18.10 33.37
CA HIS A 64 15.90 17.11 32.90
C HIS A 64 15.87 16.97 31.36
N GLY A 65 14.80 17.40 30.68
CA GLY A 65 14.70 17.28 29.22
C GLY A 65 13.28 17.43 28.69
N SER A 66 13.07 17.14 27.41
CA SER A 66 11.77 17.32 26.74
C SER A 66 11.60 16.35 25.57
N LEU A 67 10.35 16.03 25.29
CA LEU A 67 9.95 15.24 24.11
C LEU A 67 8.90 16.08 23.37
N ARG A 68 9.12 16.32 22.08
CA ARG A 68 8.25 17.17 21.24
C ARG A 68 7.90 16.38 19.97
N LEU A 69 6.68 16.59 19.48
CA LEU A 69 6.08 15.81 18.37
C LEU A 69 5.59 16.79 17.33
N LEU A 70 6.08 16.69 16.09
CA LEU A 70 5.67 17.56 14.97
C LEU A 70 4.21 17.23 14.63
N GLN A 71 3.40 18.24 14.32
CA GLN A 71 2.03 18.04 13.79
C GLN A 71 2.13 17.12 12.56
N ARG A 72 1.06 16.37 12.29
CA ARG A 72 0.90 15.57 11.05
C ARG A 72 1.25 16.47 9.86
N PHE A 73 2.04 15.98 8.92
CA PHE A 73 2.40 16.68 7.67
C PHE A 73 1.11 17.12 6.95
N ASN A 74 0.04 16.34 7.07
CA ASN A 74 -1.23 16.59 6.32
C ASN A 74 -2.27 17.29 7.18
N GLU A 75 -1.90 17.82 8.35
CA GLU A 75 -2.84 18.52 9.26
C GLU A 75 -3.44 19.73 8.53
N ASP A 76 -2.61 20.58 7.89
CA ASP A 76 -3.01 21.91 7.37
C ASP A 76 -2.90 21.99 5.84
N THR A 77 -2.71 20.88 5.14
CA THR A 77 -2.58 20.90 3.66
C THR A 77 -2.91 19.50 3.11
N GLU A 78 -3.51 19.48 1.91
CA GLU A 78 -3.81 18.23 1.16
C GLU A 78 -2.60 17.84 0.31
N LYS A 79 -1.53 18.63 0.34
CA LYS A 79 -0.38 18.45 -0.60
C LYS A 79 0.59 17.38 -0.10
N LEU A 80 0.48 16.94 1.16
CA LEU A 80 1.47 16.00 1.74
C LEU A 80 0.80 14.68 2.15
N GLU A 81 -0.16 14.19 1.39
CA GLU A 81 -0.83 12.90 1.69
C GLU A 81 0.22 11.79 1.69
N ASN A 82 1.27 11.90 0.89
CA ASN A 82 2.34 10.87 0.80
C ASN A 82 3.15 10.80 2.11
N LEU A 83 2.95 11.72 3.06
CA LEU A 83 3.71 11.71 4.34
C LEU A 83 2.80 11.35 5.53
N ARG A 84 1.55 10.97 5.28
CA ARG A 84 0.53 10.81 6.35
C ARG A 84 0.98 9.76 7.38
N ASP A 85 1.83 8.80 6.97
CA ASP A 85 2.24 7.64 7.82
C ASP A 85 3.42 8.01 8.73
N TYR A 86 4.01 9.18 8.54
CA TYR A 86 5.28 9.59 9.19
C TYR A 86 5.00 10.67 10.24
N ARG A 87 5.72 10.61 11.36
CA ARG A 87 5.76 11.68 12.38
C ARG A 87 7.22 11.91 12.81
N VAL A 88 7.55 13.15 13.17
CA VAL A 88 8.91 13.57 13.63
C VAL A 88 8.82 13.92 15.12
N LEU A 89 9.77 13.43 15.91
CA LEU A 89 9.90 13.78 17.35
C LEU A 89 11.31 14.32 17.59
N GLU A 90 11.44 15.22 18.54
CA GLU A 90 12.73 15.77 19.03
C GLU A 90 12.79 15.44 20.52
N TYR A 91 13.84 14.73 20.95
CA TYR A 91 14.13 14.43 22.37
C TYR A 91 15.41 15.18 22.77
N CYS A 92 15.33 15.98 23.83
CA CYS A 92 16.47 16.73 24.42
CA CYS A 92 16.47 16.74 24.42
C CYS A 92 16.58 16.35 25.90
N SER A 93 17.77 15.92 26.34
CA SER A 93 18.03 15.57 27.76
C SER A 93 19.38 16.13 28.26
N LYS A 94 19.34 16.65 29.48
CA LYS A 94 20.51 17.18 30.22
C LYS A 94 21.44 16.03 30.58
N PRO A 95 22.68 16.35 31.00
CA PRO A 95 23.62 15.34 31.47
C PRO A 95 23.06 14.43 32.59
N ASN A 96 23.52 13.20 32.61
CA ASN A 96 23.18 12.15 33.61
C ASN A 96 21.66 12.01 33.75
N THR A 97 20.97 11.81 32.62
CA THR A 97 19.50 11.58 32.57
C THR A 97 19.18 10.23 31.92
N LEU A 98 17.99 9.71 32.21
CA LEU A 98 17.45 8.42 31.73
C LEU A 98 16.00 8.69 31.28
N LEU A 99 15.70 8.39 30.02
CA LEU A 99 14.31 8.26 29.52
C LEU A 99 13.84 6.83 29.86
N LEU A 100 12.80 6.72 30.69
CA LEU A 100 12.40 5.43 31.32
C LEU A 100 11.92 4.45 30.26
N PRO A 101 12.07 3.13 30.53
CA PRO A 101 11.74 2.06 29.58
C PRO A 101 10.28 2.11 29.09
N HIS A 102 10.11 1.97 27.77
CA HIS A 102 8.82 2.05 27.06
C HIS A 102 8.99 1.36 25.71
N HIS A 103 7.89 0.84 25.13
CA HIS A 103 7.82 0.45 23.70
C HIS A 103 6.91 1.43 22.95
N SER A 104 7.15 1.57 21.65
CA SER A 104 6.30 2.34 20.73
C SER A 104 5.49 1.36 19.87
N ASP A 105 4.29 1.76 19.43
CA ASP A 105 3.48 1.00 18.43
C ASP A 105 4.07 1.22 17.03
N SER A 106 5.09 2.07 16.91
CA SER A 106 5.66 2.50 15.60
C SER A 106 7.13 2.09 15.46
N ASP A 107 7.57 1.87 14.23
CA ASP A 107 9.01 1.74 13.88
C ASP A 107 9.64 3.13 14.08
N LEU A 108 10.85 3.16 14.65
CA LEU A 108 11.57 4.43 14.97
C LEU A 108 12.94 4.41 14.30
N LEU A 109 13.24 5.45 13.53
CA LEU A 109 14.60 5.81 13.11
C LEU A 109 15.11 6.85 14.10
N VAL A 110 16.13 6.50 14.87
CA VAL A 110 16.67 7.36 15.96
C VAL A 110 18.03 7.87 15.51
N LEU A 111 18.22 9.17 15.56
CA LEU A 111 19.44 9.86 15.06
C LEU A 111 19.92 10.86 16.13
N VAL A 112 21.17 10.72 16.55
CA VAL A 112 21.81 11.67 17.52
C VAL A 112 22.28 12.91 16.75
N LEU A 113 21.58 14.03 16.93
CA LEU A 113 21.91 15.35 16.34
C LEU A 113 23.04 16.00 17.15
N GLU A 114 23.09 15.78 18.47
CA GLU A 114 24.12 16.38 19.36
C GLU A 114 24.31 15.50 20.60
N GLY A 115 25.57 15.30 20.98
CA GLY A 115 25.94 14.68 22.26
C GLY A 115 26.21 13.21 22.04
N GLN A 116 25.97 12.41 23.07
CA GLN A 116 26.15 10.95 23.04
C GLN A 116 25.05 10.29 23.89
N ALA A 117 24.70 9.06 23.55
CA ALA A 117 23.63 8.31 24.23
C ALA A 117 24.11 6.88 24.43
N ILE A 118 23.58 6.23 25.47
CA ILE A 118 23.54 4.76 25.59
C ILE A 118 22.08 4.34 25.36
N LEU A 119 21.86 3.42 24.42
CA LEU A 119 20.53 2.92 23.99
C LEU A 119 20.47 1.46 24.40
N VAL A 120 19.45 1.08 25.17
CA VAL A 120 19.25 -0.34 25.57
C VAL A 120 17.96 -0.84 24.91
N LEU A 121 18.06 -1.86 24.07
CA LEU A 121 16.89 -2.53 23.43
C LEU A 121 16.62 -3.82 24.19
N VAL A 122 15.43 -3.93 24.78
CA VAL A 122 15.08 -5.13 25.58
C VAL A 122 14.34 -6.10 24.66
N ASN A 123 14.80 -7.35 24.61
CA ASN A 123 14.10 -8.45 23.91
C ASN A 123 13.64 -9.46 24.97
N PRO A 124 12.77 -10.42 24.61
CA PRO A 124 12.19 -11.33 25.59
C PRO A 124 13.20 -12.21 26.35
N ASP A 125 14.42 -12.37 25.82
CA ASP A 125 15.43 -13.33 26.35
C ASP A 125 16.72 -12.57 26.72
N GLY A 126 16.71 -11.24 26.69
CA GLY A 126 17.93 -10.46 26.99
C GLY A 126 17.82 -9.01 26.56
N ARG A 127 18.96 -8.37 26.37
CA ARG A 127 19.01 -6.93 26.00
CA ARG A 127 19.03 -6.91 26.05
C ARG A 127 20.30 -6.65 25.23
N ASP A 128 20.25 -5.63 24.38
CA ASP A 128 21.41 -5.13 23.61
C ASP A 128 21.65 -3.68 24.01
N THR A 129 22.90 -3.35 24.29
CA THR A 129 23.34 -2.01 24.74
C THR A 129 24.18 -1.38 23.62
N TYR A 130 23.85 -0.17 23.20
CA TYR A 130 24.56 0.50 22.09
C TYR A 130 25.02 1.89 22.54
N LYS A 131 26.26 2.20 22.24
CA LYS A 131 26.78 3.60 22.35
C LYS A 131 26.40 4.33 21.06
N LEU A 132 25.71 5.46 21.15
CA LEU A 132 25.40 6.36 20.00
C LEU A 132 26.18 7.67 20.13
N ASP A 133 27.04 7.95 19.14
CA ASP A 133 27.79 9.21 19.00
C ASP A 133 27.03 10.13 18.04
N GLN A 134 27.39 11.41 17.97
CA GLN A 134 26.80 12.38 17.02
C GLN A 134 26.85 11.75 15.63
N GLY A 135 25.74 11.84 14.89
CA GLY A 135 25.62 11.33 13.51
C GLY A 135 25.24 9.86 13.46
N ASP A 136 25.19 9.16 14.60
CA ASP A 136 24.79 7.73 14.68
C ASP A 136 23.27 7.61 14.62
N ALA A 137 22.79 6.69 13.77
CA ALA A 137 21.35 6.35 13.61
C ALA A 137 21.16 4.84 13.77
N ILE A 138 19.96 4.45 14.16
CA ILE A 138 19.58 3.03 14.38
C ILE A 138 18.05 2.96 14.32
N LYS A 139 17.54 1.87 13.75
CA LYS A 139 16.10 1.59 13.68
C LYS A 139 15.71 0.86 14.97
N ILE A 140 14.65 1.30 15.63
CA ILE A 140 14.03 0.55 16.76
C ILE A 140 12.71 -0.04 16.22
N GLN A 141 12.69 -1.36 16.03
CA GLN A 141 11.50 -2.17 15.65
C GLN A 141 10.37 -1.86 16.63
N ALA A 142 9.17 -1.60 16.11
CA ALA A 142 7.92 -1.47 16.88
C ALA A 142 7.84 -2.58 17.95
N GLY A 143 7.40 -2.22 19.15
CA GLY A 143 7.16 -3.17 20.25
C GLY A 143 8.41 -3.60 20.99
N THR A 144 9.58 -3.03 20.67
CA THR A 144 10.84 -3.25 21.42
C THR A 144 10.90 -2.27 22.59
N PRO A 145 10.82 -2.72 23.86
CA PRO A 145 10.99 -1.83 24.99
C PRO A 145 12.43 -1.31 24.96
N PHE A 146 12.61 -0.01 25.17
CA PHE A 146 13.96 0.59 25.19
C PHE A 146 14.02 1.73 26.20
N TYR A 147 15.24 2.02 26.63
CA TYR A 147 15.57 3.19 27.48
C TYR A 147 16.84 3.85 26.93
N LEU A 148 16.91 5.17 27.15
CA LEU A 148 17.90 6.10 26.58
C LEU A 148 18.60 6.83 27.74
N ILE A 149 19.92 6.69 27.87
CA ILE A 149 20.73 7.42 28.87
C ILE A 149 21.60 8.46 28.17
N ASN A 150 21.62 9.67 28.72
CA ASN A 150 22.67 10.69 28.45
C ASN A 150 23.78 10.48 29.48
N PRO A 151 24.87 9.77 29.11
CA PRO A 151 25.95 9.49 30.06
C PRO A 151 26.87 10.70 30.29
N ASP A 152 26.86 11.66 29.38
CA ASP A 152 27.80 12.82 29.42
C ASP A 152 27.58 13.59 30.73
N ASN A 153 28.64 14.23 31.25
CA ASN A 153 28.57 15.04 32.49
C ASN A 153 28.27 16.51 32.15
N ASN A 154 28.48 16.93 30.91
CA ASN A 154 28.54 18.37 30.53
C ASN A 154 27.64 18.66 29.33
N GLN A 155 27.61 17.79 28.30
CA GLN A 155 26.91 18.12 27.03
C GLN A 155 25.49 17.52 27.01
N ASN A 156 24.52 18.30 26.54
CA ASN A 156 23.15 17.82 26.31
C ASN A 156 23.16 16.72 25.23
N LEU A 157 22.08 15.94 25.19
CA LEU A 157 21.78 14.98 24.11
C LEU A 157 20.57 15.54 23.34
N ARG A 158 20.72 15.73 22.03
CA ARG A 158 19.59 16.02 21.10
C ARG A 158 19.46 14.85 20.13
N ILE A 159 18.25 14.29 20.07
CA ILE A 159 17.90 13.13 19.22
C ILE A 159 16.73 13.53 18.32
N LEU A 160 16.85 13.18 17.05
CA LEU A 160 15.74 13.23 16.06
C LEU A 160 15.15 11.82 16.01
N LYS A 161 13.84 11.66 16.24
CA LYS A 161 13.13 10.36 16.11
C LYS A 161 12.17 10.47 14.91
N PHE A 162 12.33 9.62 13.90
CA PHE A 162 11.37 9.50 12.76
C PHE A 162 10.50 8.27 12.99
N ALA A 163 9.20 8.48 13.15
CA ALA A 163 8.21 7.40 13.37
C ALA A 163 7.58 6.99 12.03
N ILE A 164 7.71 5.70 11.70
CA ILE A 164 6.94 5.05 10.62
C ILE A 164 5.79 4.25 11.26
N THR A 165 4.57 4.76 11.13
CA THR A 165 3.34 4.20 11.75
C THR A 165 2.72 3.17 10.81
N PHE A 166 2.03 2.15 11.34
CA PHE A 166 1.30 1.13 10.55
C PHE A 166 0.01 0.70 11.25
N ARG A 167 0.00 0.67 12.59
CA ARG A 167 -1.18 0.21 13.34
C ARG A 167 -2.31 1.22 13.13
N ARG A 168 -2.08 2.47 13.50
CA ARG A 168 -2.99 3.60 13.22
C ARG A 168 -2.21 4.66 12.46
N PRO A 169 -2.28 4.65 11.12
CA PRO A 169 -1.50 5.57 10.29
C PRO A 169 -1.55 7.01 10.78
N GLY A 170 -0.38 7.62 11.00
CA GLY A 170 -0.25 9.01 11.47
C GLY A 170 -0.25 9.13 12.98
N THR A 171 -0.46 8.04 13.73
CA THR A 171 -0.52 8.08 15.22
C THR A 171 0.64 7.29 15.80
N VAL A 172 1.34 7.85 16.78
CA VAL A 172 2.45 7.21 17.51
C VAL A 172 2.02 7.14 18.96
N GLU A 173 2.17 5.98 19.58
CA GLU A 173 1.84 5.76 21.02
C GLU A 173 3.08 5.18 21.69
N ASP A 174 3.33 5.58 22.93
CA ASP A 174 4.45 5.07 23.76
C ASP A 174 3.83 4.42 25.00
N PHE A 175 4.24 3.21 25.34
CA PHE A 175 3.74 2.46 26.50
C PHE A 175 4.83 2.48 27.59
N PHE A 176 4.66 3.34 28.58
CA PHE A 176 5.59 3.46 29.73
C PHE A 176 5.15 2.52 30.85
N LEU A 177 6.07 1.65 31.25
CA LEU A 177 5.94 0.69 32.38
C LEU A 177 5.75 1.46 33.70
N SER A 178 6.37 2.63 33.82
CA SER A 178 6.41 3.46 35.06
CA SER A 178 6.40 3.43 35.07
C SER A 178 5.13 4.29 35.17
N SER A 179 4.55 4.36 36.37
CA SER A 179 3.48 5.31 36.74
C SER A 179 4.12 6.69 36.93
N THR A 180 3.53 7.71 36.33
CA THR A 180 3.98 9.12 36.46
C THR A 180 2.74 9.99 36.65
N LYS A 181 2.95 11.28 36.93
CA LYS A 181 1.87 12.26 37.21
C LYS A 181 0.91 12.23 36.02
N ARG A 182 1.44 12.23 34.80
CA ARG A 182 0.67 12.34 33.54
C ARG A 182 -0.25 11.13 33.38
N LEU A 183 0.20 9.96 33.82
CA LEU A 183 -0.44 8.66 33.46
C LEU A 183 0.08 7.52 34.31
N PRO A 184 -0.82 6.69 34.88
CA PRO A 184 -0.40 5.48 35.56
C PRO A 184 0.22 4.46 34.57
N SER A 185 1.00 3.53 35.11
CA SER A 185 1.52 2.33 34.42
C SER A 185 0.36 1.61 33.73
N TYR A 186 0.57 1.14 32.49
CA TYR A 186 -0.47 0.40 31.73
C TYR A 186 -0.78 -0.92 32.46
N LEU A 187 0.16 -1.44 33.26
CA LEU A 187 -0.09 -2.67 34.07
C LEU A 187 -1.25 -2.43 35.05
N SER A 188 -1.45 -1.19 35.48
CA SER A 188 -2.45 -0.80 36.52
C SER A 188 -3.88 -0.92 35.95
N ALA A 189 -4.01 -0.95 34.61
CA ALA A 189 -5.31 -1.03 33.90
C ALA A 189 -5.88 -2.46 33.94
N PHE A 190 -5.06 -3.48 34.20
CA PHE A 190 -5.51 -4.88 34.40
C PHE A 190 -6.22 -5.00 35.76
N SER A 191 -7.19 -5.90 35.89
CA SER A 191 -7.99 -6.10 37.13
C SER A 191 -7.12 -6.72 38.23
N LYS A 192 -7.56 -6.58 39.49
CA LYS A 192 -6.86 -7.15 40.68
C LYS A 192 -6.61 -8.65 40.47
N ASN A 193 -7.65 -9.43 40.14
CA ASN A 193 -7.54 -10.90 40.00
CA ASN A 193 -7.56 -10.90 39.99
C ASN A 193 -6.54 -11.23 38.88
N PHE A 194 -6.61 -10.51 37.76
CA PHE A 194 -5.67 -10.73 36.63
C PHE A 194 -4.23 -10.49 37.10
N LEU A 195 -3.97 -9.39 37.82
CA LEU A 195 -2.59 -9.07 38.29
C LEU A 195 -2.13 -10.10 39.33
N GLU A 196 -2.96 -10.42 40.32
CA GLU A 196 -2.59 -11.37 41.41
C GLU A 196 -2.25 -12.76 40.84
N ALA A 197 -3.09 -13.27 39.92
CA ALA A 197 -2.91 -14.57 39.25
C ALA A 197 -1.65 -14.53 38.37
N SER A 198 -1.48 -13.45 37.60
CA SER A 198 -0.36 -13.26 36.65
C SER A 198 0.96 -13.35 37.42
N TYR A 199 1.14 -12.51 38.45
CA TYR A 199 2.42 -12.36 39.19
C TYR A 199 2.45 -13.30 40.41
N ASP A 200 1.39 -14.08 40.64
CA ASP A 200 1.29 -15.06 41.75
C ASP A 200 1.71 -14.39 43.06
N SER A 201 1.14 -13.21 43.34
CA SER A 201 1.52 -12.29 44.43
C SER A 201 0.29 -11.50 44.86
N PRO A 202 0.17 -11.13 46.16
CA PRO A 202 -0.95 -10.30 46.62
C PRO A 202 -0.89 -8.91 45.98
N TYR A 203 -2.04 -8.30 45.70
CA TYR A 203 -2.14 -7.01 44.97
C TYR A 203 -1.30 -5.96 45.69
N ASP A 204 -1.30 -5.99 47.04
CA ASP A 204 -0.57 -5.06 47.94
C ASP A 204 0.89 -4.94 47.50
N GLU A 205 1.54 -6.10 47.40
CA GLU A 205 2.97 -6.23 47.02
C GLU A 205 3.14 -5.79 45.55
N ILE A 206 2.26 -6.21 44.64
CA ILE A 206 2.33 -5.80 43.20
C ILE A 206 2.28 -4.27 43.13
N GLU A 207 1.29 -3.66 43.81
CA GLU A 207 1.05 -2.19 43.80
C GLU A 207 2.26 -1.43 44.38
N GLN A 208 2.82 -1.90 45.50
CA GLN A 208 3.97 -1.22 46.17
C GLN A 208 5.24 -1.40 45.34
N THR A 209 5.39 -2.51 44.63
CA THR A 209 6.63 -2.87 43.91
C THR A 209 6.65 -2.33 42.46
N LEU A 210 5.50 -2.31 41.76
CA LEU A 210 5.44 -1.99 40.30
C LEU A 210 4.56 -0.77 39.99
N LEU A 211 3.47 -0.56 40.73
CA LEU A 211 2.31 0.25 40.24
C LEU A 211 2.27 1.66 40.83
N GLN A 212 2.68 1.87 42.09
CA GLN A 212 2.63 3.21 42.74
C GLN A 212 3.48 4.21 41.94
N GLU A 213 3.02 5.45 41.86
CA GLU A 213 3.73 6.58 41.20
C GLU A 213 5.05 6.82 41.95
N GLU A 214 6.18 6.39 41.37
CA GLU A 214 7.56 6.54 41.93
C GLU A 214 8.17 7.86 41.43
N GLN A 215 8.32 7.98 40.11
CA GLN A 215 8.87 9.18 39.42
C GLN A 215 7.70 10.08 39.05
N GLU A 216 7.92 11.40 38.98
CA GLU A 216 6.89 12.39 38.58
C GLU A 216 6.83 12.42 37.05
N GLY A 217 7.89 12.02 36.36
CA GLY A 217 8.01 12.12 34.89
C GLY A 217 8.87 11.02 34.29
N VAL A 218 8.84 10.88 32.96
CA VAL A 218 9.47 9.74 32.23
C VAL A 218 10.96 10.04 31.97
N ILE A 219 11.42 11.27 32.26
CA ILE A 219 12.87 11.63 32.23
C ILE A 219 13.34 11.91 33.66
N VAL A 220 14.34 11.18 34.13
CA VAL A 220 14.80 11.20 35.54
C VAL A 220 16.34 11.39 35.57
N LYS A 221 16.90 11.68 36.75
CA LYS A 221 18.37 11.72 37.01
C LYS A 221 18.92 10.28 37.00
N MET A 222 20.17 10.09 36.56
CA MET A 222 20.84 8.76 36.43
C MET A 222 21.98 8.67 37.43
N PRO A 223 22.06 7.59 38.25
CA PRO A 223 23.28 7.23 38.97
C PRO A 223 24.10 6.17 38.22
N GLN A 245 19.07 -7.60 16.28
CA GLN A 245 20.51 -7.62 15.85
C GLN A 245 20.64 -6.99 14.46
N ASP A 246 21.53 -5.74 14.93
CA ASP A 246 22.12 -4.88 13.87
C ASP A 246 22.24 -3.46 14.40
N LYS A 247 23.46 -2.93 14.34
CA LYS A 247 23.97 -1.89 15.26
C LYS A 247 23.81 -0.51 14.61
N PRO A 248 24.09 0.56 15.39
CA PRO A 248 24.04 1.93 14.88
C PRO A 248 24.95 2.13 13.66
N PHE A 249 24.58 3.04 12.75
CA PHE A 249 25.46 3.44 11.62
C PHE A 249 25.54 4.97 11.61
N ASN A 250 26.71 5.50 11.28
CA ASN A 250 26.95 6.96 11.28
C ASN A 250 26.63 7.50 9.88
N LEU A 251 25.99 8.67 9.81
CA LEU A 251 25.63 9.33 8.53
C LEU A 251 26.91 9.57 7.71
N ARG A 252 28.07 9.63 8.37
CA ARG A 252 29.38 9.94 7.73
C ARG A 252 30.31 8.72 7.70
N SER A 253 29.77 7.50 7.81
CA SER A 253 30.56 6.25 7.78
C SER A 253 30.98 5.91 6.33
N ARG A 254 30.48 6.64 5.33
CA ARG A 254 30.97 6.51 3.94
C ARG A 254 31.51 7.86 3.46
N ASP A 255 32.33 7.84 2.40
CA ASP A 255 32.81 9.07 1.73
C ASP A 255 31.58 9.85 1.33
N PRO A 256 31.61 11.20 1.42
CA PRO A 256 30.50 12.02 0.97
C PRO A 256 30.34 11.83 -0.55
N ILE A 257 29.12 11.96 -1.06
CA ILE A 257 28.81 11.78 -2.51
C ILE A 257 29.14 13.08 -3.27
N TYR A 258 29.02 14.23 -2.62
CA TYR A 258 29.46 15.54 -3.14
C TYR A 258 30.32 16.21 -2.07
N SER A 259 31.50 16.68 -2.47
CA SER A 259 32.52 17.30 -1.59
C SER A 259 33.42 18.25 -2.40
N ASN A 260 33.46 19.54 -2.05
CA ASN A 260 34.37 20.56 -2.63
C ASN A 260 34.67 21.58 -1.52
N ASN A 261 35.17 22.77 -1.87
CA ASN A 261 35.62 23.78 -0.88
C ASN A 261 34.42 24.47 -0.23
N TYR A 262 33.22 24.30 -0.79
CA TYR A 262 32.01 25.03 -0.33
C TYR A 262 31.12 24.17 0.57
N GLY A 263 31.03 22.86 0.30
CA GLY A 263 30.07 21.98 0.99
C GLY A 263 30.38 20.50 0.81
N LYS A 264 29.76 19.67 1.67
CA LYS A 264 29.75 18.19 1.59
C LYS A 264 28.30 17.70 1.78
N LEU A 265 27.94 16.66 1.06
CA LEU A 265 26.72 15.84 1.35
C LEU A 265 27.14 14.38 1.50
N TYR A 266 26.85 13.81 2.67
CA TYR A 266 26.90 12.35 2.94
C TYR A 266 25.50 11.80 2.69
N GLU A 267 25.38 10.59 2.15
CA GLU A 267 24.06 9.99 1.84
C GLU A 267 24.15 8.47 1.96
N ILE A 268 23.26 7.92 2.79
CA ILE A 268 23.09 6.46 2.94
C ILE A 268 21.70 6.11 2.39
N THR A 269 21.67 5.19 1.42
CA THR A 269 20.47 4.83 0.64
C THR A 269 19.99 3.45 1.08
N PRO A 270 18.71 3.13 0.82
CA PRO A 270 18.18 1.81 1.17
C PRO A 270 18.92 0.68 0.42
N GLU A 271 19.44 0.99 -0.77
CA GLU A 271 20.21 0.00 -1.58
C GLU A 271 21.45 -0.45 -0.80
N LYS A 272 22.00 0.39 0.08
CA LYS A 272 23.32 0.16 0.71
C LYS A 272 23.19 -0.04 2.23
N ASN A 273 21.99 -0.02 2.78
CA ASN A 273 21.80 -0.15 4.25
C ASN A 273 20.58 -1.02 4.53
N SER A 274 20.79 -2.16 5.21
CA SER A 274 19.75 -3.16 5.50
C SER A 274 18.64 -2.55 6.36
N GLN A 275 18.97 -1.65 7.30
CA GLN A 275 17.96 -1.03 8.20
C GLN A 275 17.07 -0.09 7.39
N LEU A 276 17.66 0.69 6.50
CA LEU A 276 16.93 1.67 5.66
C LEU A 276 16.14 0.95 4.56
N ARG A 277 16.58 -0.24 4.15
CA ARG A 277 15.97 -1.00 3.01
C ARG A 277 14.51 -1.32 3.32
N ASP A 278 14.22 -1.78 4.52
CA ASP A 278 12.85 -2.17 4.96
C ASP A 278 11.95 -0.94 5.01
N LEU A 279 12.51 0.25 5.27
CA LEU A 279 11.71 1.48 5.44
C LEU A 279 11.61 2.25 4.13
N ASP A 280 12.38 1.87 3.13
CA ASP A 280 12.48 2.62 1.84
C ASP A 280 12.88 4.08 2.10
N ILE A 281 13.87 4.31 2.95
CA ILE A 281 14.28 5.68 3.35
C ILE A 281 15.77 5.87 3.07
N LEU A 282 16.14 7.06 2.61
CA LEU A 282 17.56 7.51 2.61
C LEU A 282 17.79 8.59 3.69
N LEU A 283 18.99 8.65 4.23
CA LEU A 283 19.43 9.68 5.19
C LEU A 283 20.60 10.45 4.58
N ASN A 284 20.60 11.78 4.62
CA ASN A 284 21.76 12.56 4.13
C ASN A 284 22.12 13.60 5.19
N OCS A 285 23.35 14.08 5.09
CA OCS A 285 23.90 14.99 6.07
CB OCS A 285 24.74 14.22 7.09
SG OCS A 285 25.45 15.20 8.39
C OCS A 285 24.65 16.07 5.31
O OCS A 285 25.58 15.78 4.58
OD1 OCS A 285 26.05 14.12 9.34
OD2 OCS A 285 26.48 15.98 7.75
OD3 OCS A 285 24.39 15.85 9.08
N LEU A 286 24.19 17.32 5.46
CA LEU A 286 24.69 18.44 4.68
C LEU A 286 25.52 19.38 5.57
N GLN A 287 26.73 19.71 5.11
CA GLN A 287 27.65 20.69 5.76
C GLN A 287 28.04 21.72 4.71
N MET A 288 27.72 22.98 4.95
CA MET A 288 28.16 24.07 4.05
C MET A 288 28.85 25.17 4.85
N ASN A 289 29.85 25.80 4.23
CA ASN A 289 30.49 27.04 4.71
C ASN A 289 29.53 28.20 4.40
N GLU A 290 29.46 29.16 5.33
CA GLU A 290 28.77 30.45 5.13
C GLU A 290 29.07 30.95 3.71
N GLY A 291 28.05 31.34 2.95
CA GLY A 291 28.21 31.90 1.60
C GLY A 291 28.17 30.84 0.51
N ALA A 292 28.28 29.56 0.86
CA ALA A 292 28.14 28.45 -0.12
C ALA A 292 26.67 28.34 -0.58
N LEU A 293 26.46 27.95 -1.83
CA LEU A 293 25.12 27.70 -2.43
C LEU A 293 25.04 26.27 -2.97
N PHE A 294 24.07 25.50 -2.48
CA PHE A 294 23.66 24.17 -3.03
C PHE A 294 22.80 24.48 -4.26
N VAL A 295 23.33 24.25 -5.46
CA VAL A 295 22.71 24.79 -6.72
C VAL A 295 21.39 24.08 -7.02
N PRO A 296 20.49 24.75 -7.78
CA PRO A 296 19.21 24.16 -8.15
C PRO A 296 19.34 22.71 -8.64
N HIS A 297 18.57 21.83 -8.00
CA HIS A 297 18.45 20.40 -8.35
C HIS A 297 17.08 19.87 -7.89
N TYR A 298 16.76 18.64 -8.28
CA TYR A 298 15.52 17.95 -7.85
C TYR A 298 15.80 16.46 -7.72
N ASN A 299 15.02 15.82 -6.85
CA ASN A 299 15.04 14.36 -6.62
C ASN A 299 13.94 13.74 -7.49
N SER A 300 14.25 12.66 -8.21
CA SER A 300 13.30 11.96 -9.12
C SER A 300 12.19 11.27 -8.32
N ARG A 301 12.50 10.71 -7.14
CA ARG A 301 11.55 9.83 -6.40
C ARG A 301 11.41 10.22 -4.92
N ALA A 302 12.49 10.56 -4.23
CA ALA A 302 12.49 10.81 -2.77
C ALA A 302 11.83 12.17 -2.45
N THR A 303 10.90 12.19 -1.51
CA THR A 303 10.44 13.44 -0.85
C THR A 303 11.33 13.63 0.37
N VAL A 304 12.04 14.76 0.46
CA VAL A 304 13.07 14.95 1.51
C VAL A 304 12.51 15.88 2.59
N ILE A 305 12.45 15.36 3.81
CA ILE A 305 12.18 16.12 5.07
C ILE A 305 13.52 16.64 5.58
N LEU A 306 13.75 17.94 5.42
CA LEU A 306 15.06 18.60 5.67
C LEU A 306 14.98 19.28 7.03
N VAL A 307 15.85 18.87 7.95
CA VAL A 307 15.83 19.33 9.36
C VAL A 307 17.08 20.18 9.60
N ALA A 308 16.90 21.48 9.89
CA ALA A 308 18.00 22.40 10.24
C ALA A 308 18.58 22.00 11.59
N ASN A 309 19.88 21.75 11.64
CA ASN A 309 20.56 21.29 12.87
C ASN A 309 21.37 22.45 13.48
N GLU A 310 22.33 22.98 12.74
CA GLU A 310 23.22 24.10 13.15
C GLU A 310 23.26 25.13 12.03
N GLY A 311 23.26 26.42 12.39
CA GLY A 311 23.39 27.56 11.47
C GLY A 311 22.06 27.87 10.80
N ARG A 312 22.10 28.74 9.80
CA ARG A 312 20.89 29.33 9.17
C ARG A 312 20.97 29.02 7.67
N ALA A 313 19.91 28.44 7.15
CA ALA A 313 19.80 27.98 5.74
C ALA A 313 18.73 28.82 5.05
N GLU A 314 19.08 29.39 3.89
CA GLU A 314 18.16 30.17 3.02
C GLU A 314 17.74 29.25 1.89
N VAL A 315 16.51 28.73 1.97
CA VAL A 315 15.98 27.70 1.04
C VAL A 315 15.10 28.40 0.01
N GLU A 316 15.29 28.05 -1.27
CA GLU A 316 14.32 28.38 -2.34
C GLU A 316 13.80 27.06 -2.91
N LEU A 317 12.49 26.84 -2.79
CA LEU A 317 11.79 25.63 -3.28
C LEU A 317 10.80 26.07 -4.34
N VAL A 318 10.82 25.44 -5.50
CA VAL A 318 9.96 25.86 -6.65
C VAL A 318 8.94 24.74 -6.92
N GLY A 319 7.66 25.07 -6.77
CA GLY A 319 6.49 24.18 -6.98
C GLY A 319 5.54 24.75 -8.03
N LEU A 320 4.75 23.88 -8.67
CA LEU A 320 3.84 24.22 -9.79
C LEU A 320 2.40 24.12 -9.31
N GLU A 321 1.98 25.07 -8.47
CA GLU A 321 0.75 24.94 -7.65
C GLU A 321 -0.16 26.16 -7.82
N GLN A 322 -1.36 25.90 -8.37
CA GLN A 322 -2.54 26.81 -8.41
C GLN A 322 -3.04 27.03 -6.98
N SER A 330 -4.40 26.66 -16.48
CA SER A 330 -2.91 26.65 -16.39
C SER A 330 -2.49 26.75 -14.92
N MET A 331 -1.47 25.97 -14.53
CA MET A 331 -0.92 25.95 -13.16
C MET A 331 -0.18 27.27 -12.90
N GLN A 332 -0.25 27.76 -11.67
CA GLN A 332 0.59 28.88 -11.18
C GLN A 332 1.91 28.27 -10.68
N LEU A 333 3.02 28.94 -10.99
CA LEU A 333 4.39 28.59 -10.56
C LEU A 333 4.76 29.44 -9.34
N ARG A 334 5.21 28.84 -8.22
CA ARG A 334 5.41 29.55 -6.94
C ARG A 334 6.81 29.30 -6.39
N ARG A 335 7.46 30.35 -5.89
CA ARG A 335 8.69 30.19 -5.08
C ARG A 335 8.31 30.19 -3.59
N TYR A 336 8.74 29.16 -2.88
CA TYR A 336 8.64 29.04 -1.42
C TYR A 336 10.04 29.27 -0.85
N ALA A 337 10.22 30.45 -0.26
CA ALA A 337 11.50 30.95 0.26
C ALA A 337 11.38 31.07 1.78
N ALA A 338 12.30 30.47 2.53
CA ALA A 338 12.36 30.62 3.99
C ALA A 338 13.80 30.47 4.45
N THR A 339 14.14 31.16 5.54
CA THR A 339 15.39 30.96 6.29
C THR A 339 15.08 30.01 7.43
N LEU A 340 15.79 28.89 7.50
CA LEU A 340 15.58 27.83 8.52
C LEU A 340 16.67 27.96 9.59
N SER A 341 16.25 27.93 10.85
CA SER A 341 17.14 27.90 12.05
C SER A 341 16.84 26.63 12.81
N GLU A 342 17.68 26.32 13.80
CA GLU A 342 17.75 25.03 14.52
C GLU A 342 16.33 24.52 14.83
N GLY A 343 16.02 23.30 14.42
CA GLY A 343 14.70 22.65 14.65
C GLY A 343 13.75 22.80 13.48
N ASP A 344 13.85 23.88 12.70
CA ASP A 344 12.95 24.17 11.55
C ASP A 344 13.06 23.04 10.52
N ILE A 345 11.94 22.65 9.93
CA ILE A 345 11.83 21.59 8.90
C ILE A 345 11.22 22.19 7.64
N ILE A 346 11.77 21.87 6.48
CA ILE A 346 11.03 22.07 5.19
C ILE A 346 10.95 20.73 4.45
N VAL A 347 9.79 20.46 3.88
CA VAL A 347 9.57 19.28 3.01
C VAL A 347 9.84 19.68 1.56
N ILE A 348 10.71 18.94 0.91
CA ILE A 348 11.06 19.09 -0.52
C ILE A 348 10.41 17.94 -1.29
N PRO A 349 9.21 18.12 -1.85
CA PRO A 349 8.60 17.05 -2.65
C PRO A 349 9.50 16.65 -3.82
N SER A 350 9.49 15.37 -4.19
CA SER A 350 10.18 14.84 -5.39
C SER A 350 9.73 15.65 -6.61
N SER A 351 10.65 15.86 -7.56
CA SER A 351 10.48 16.60 -8.83
C SER A 351 10.55 18.12 -8.63
N PHE A 352 10.41 18.65 -7.40
CA PHE A 352 10.42 20.11 -7.16
C PHE A 352 11.85 20.62 -7.11
N PRO A 353 12.25 21.55 -8.01
CA PRO A 353 13.57 22.17 -7.93
C PRO A 353 13.79 22.90 -6.60
N VAL A 354 15.00 22.77 -6.04
CA VAL A 354 15.35 23.37 -4.72
C VAL A 354 16.80 23.84 -4.77
N ALA A 355 17.07 24.94 -4.09
CA ALA A 355 18.45 25.44 -3.84
C ALA A 355 18.54 25.95 -2.40
N LEU A 356 19.74 25.89 -1.84
CA LEU A 356 19.98 26.26 -0.42
C LEU A 356 21.28 27.05 -0.30
N LYS A 357 21.19 28.26 0.26
CA LYS A 357 22.38 29.10 0.54
C LYS A 357 22.61 29.12 2.06
N ALA A 358 23.87 28.90 2.45
CA ALA A 358 24.34 28.98 3.86
C ALA A 358 24.54 30.44 4.25
N ALA A 359 23.66 30.98 5.09
CA ALA A 359 23.76 32.34 5.68
C ALA A 359 24.83 32.32 6.76
N SER A 360 24.95 31.21 7.48
CA SER A 360 26.10 30.90 8.37
C SER A 360 26.62 29.50 8.03
N ASP A 361 27.74 29.08 8.61
CA ASP A 361 28.15 27.66 8.55
C ASP A 361 26.93 26.87 9.00
N LEU A 362 26.62 25.76 8.32
CA LEU A 362 25.40 25.03 8.67
C LEU A 362 25.63 23.53 8.54
N ASN A 363 24.87 22.81 9.34
CA ASN A 363 24.67 21.35 9.29
C ASN A 363 23.17 21.09 9.20
N MET A 364 22.77 20.17 8.32
CA MET A 364 21.34 19.78 8.16
C MET A 364 21.27 18.28 7.95
N VAL A 365 20.13 17.70 8.29
CA VAL A 365 19.85 16.26 8.10
C VAL A 365 18.63 16.16 7.20
N GLY A 366 18.74 15.34 6.17
CA GLY A 366 17.62 15.02 5.26
C GLY A 366 17.12 13.62 5.51
N ILE A 367 15.81 13.46 5.69
CA ILE A 367 15.12 12.14 5.69
C ILE A 367 14.32 12.01 4.38
N GLY A 368 14.73 11.12 3.50
CA GLY A 368 14.08 10.91 2.19
C GLY A 368 13.24 9.66 2.19
N VAL A 369 11.92 9.83 2.07
CA VAL A 369 10.96 8.69 1.95
C VAL A 369 10.68 8.41 0.47
N ASN A 370 10.22 7.20 0.16
CA ASN A 370 10.10 6.71 -1.24
C ASN A 370 11.47 6.76 -1.90
N ALA A 371 12.51 6.29 -1.20
CA ALA A 371 13.93 6.59 -1.52
C ALA A 371 14.47 5.69 -2.62
N GLU A 372 13.92 4.50 -2.78
CA GLU A 372 14.50 3.47 -3.71
C GLU A 372 14.64 4.08 -5.12
N ASN A 373 15.82 3.95 -5.72
CA ASN A 373 16.12 4.39 -7.11
C ASN A 373 16.01 5.91 -7.21
N ASN A 374 16.11 6.64 -6.11
CA ASN A 374 16.22 8.12 -6.17
C ASN A 374 17.43 8.49 -7.03
N GLU A 375 17.26 9.50 -7.87
CA GLU A 375 18.37 10.09 -8.64
C GLU A 375 18.26 11.62 -8.52
N ARG A 376 19.39 12.27 -8.23
CA ARG A 376 19.43 13.73 -8.03
C ARG A 376 19.84 14.35 -9.37
N ASN A 377 18.99 15.22 -9.93
CA ASN A 377 19.27 15.92 -11.22
C ASN A 377 19.61 17.38 -10.94
N PHE A 378 20.81 17.81 -11.34
CA PHE A 378 21.30 19.20 -11.20
C PHE A 378 20.88 20.03 -12.43
N LEU A 379 20.54 21.30 -12.20
CA LEU A 379 20.11 22.27 -13.24
C LEU A 379 21.20 23.32 -13.51
N ALA A 380 22.31 23.27 -12.74
CA ALA A 380 23.47 24.17 -12.85
C ALA A 380 24.76 23.46 -12.43
N GLY A 381 25.92 24.02 -12.80
CA GLY A 381 27.21 23.38 -12.51
C GLY A 381 27.60 22.40 -13.58
N HIS A 382 28.79 21.81 -13.48
CA HIS A 382 29.42 21.00 -14.55
C HIS A 382 28.89 19.55 -14.51
N LYS A 383 28.90 18.92 -13.33
CA LYS A 383 28.60 17.48 -13.17
C LYS A 383 27.11 17.28 -12.86
N GLU A 384 26.51 16.27 -13.50
CA GLU A 384 25.14 15.75 -13.28
C GLU A 384 24.12 16.83 -13.63
N ASN A 385 24.48 17.74 -14.52
CA ASN A 385 23.64 18.86 -15.01
C ASN A 385 22.83 18.36 -16.22
N VAL A 386 21.54 18.09 -16.04
CA VAL A 386 20.71 17.48 -17.12
C VAL A 386 20.64 18.44 -18.29
N ILE A 387 20.62 19.76 -18.04
CA ILE A 387 20.41 20.77 -19.12
C ILE A 387 21.57 20.65 -20.11
N ARG A 388 22.78 20.39 -19.60
CA ARG A 388 24.01 20.30 -20.43
C ARG A 388 23.87 19.16 -21.41
N GLN A 389 22.96 18.20 -21.16
CA GLN A 389 22.89 16.93 -21.90
C GLN A 389 21.90 17.06 -23.05
N ILE A 390 21.21 18.20 -23.15
CA ILE A 390 20.30 18.50 -24.28
C ILE A 390 21.14 18.98 -25.47
N PRO A 391 21.07 18.31 -26.65
CA PRO A 391 21.92 18.69 -27.78
C PRO A 391 21.54 20.07 -28.34
N ARG A 392 22.49 20.71 -29.03
CA ARG A 392 22.35 22.09 -29.58
C ARG A 392 21.05 22.25 -30.36
N GLN A 393 20.76 21.36 -31.30
CA GLN A 393 19.57 21.53 -32.18
C GLN A 393 18.34 21.71 -31.28
N VAL A 394 18.24 20.93 -30.21
CA VAL A 394 17.01 20.89 -29.35
C VAL A 394 17.06 22.05 -28.35
N SER A 395 18.22 22.35 -27.77
CA SER A 395 18.34 23.47 -26.78
C SER A 395 18.04 24.78 -27.51
N ASP A 396 18.32 24.84 -28.82
CA ASP A 396 18.07 26.03 -29.67
C ASP A 396 16.55 26.24 -29.73
N LEU A 397 15.77 25.17 -29.77
CA LEU A 397 14.28 25.24 -29.83
C LEU A 397 13.69 25.35 -28.42
N THR A 398 14.41 24.90 -27.39
CA THR A 398 13.95 24.90 -25.96
C THR A 398 14.08 26.30 -25.36
N PHE A 399 15.19 27.00 -25.63
CA PHE A 399 15.60 28.25 -24.95
C PHE A 399 15.69 29.40 -25.95
N PRO A 400 15.51 30.67 -25.48
CA PRO A 400 15.57 31.84 -26.36
C PRO A 400 16.98 32.03 -26.95
N GLY A 401 18.02 31.62 -26.24
CA GLY A 401 19.39 31.62 -26.78
C GLY A 401 19.50 30.71 -27.98
N SER A 402 20.68 30.66 -28.60
CA SER A 402 21.10 29.67 -29.62
C SER A 402 21.73 28.46 -28.91
N GLY A 403 21.72 27.29 -29.55
CA GLY A 403 22.39 26.10 -29.02
C GLY A 403 23.77 26.44 -28.48
N GLU A 404 24.52 27.25 -29.25
CA GLU A 404 25.92 27.63 -28.94
C GLU A 404 25.92 28.50 -27.67
N GLU A 405 24.99 29.45 -27.58
CA GLU A 405 24.88 30.41 -26.45
C GLU A 405 24.46 29.64 -25.19
N VAL A 406 23.57 28.64 -25.32
CA VAL A 406 23.09 27.83 -24.17
C VAL A 406 24.27 26.99 -23.67
N GLU A 407 24.95 26.31 -24.59
CA GLU A 407 26.12 25.46 -24.27
C GLU A 407 27.17 26.31 -23.55
N GLU A 408 27.52 27.45 -24.13
CA GLU A 408 28.54 28.37 -23.57
C GLU A 408 28.15 28.79 -22.15
N LEU A 409 26.92 29.29 -21.96
CA LEU A 409 26.43 29.75 -20.62
C LEU A 409 26.55 28.63 -19.58
N LEU A 410 26.13 27.42 -19.94
CA LEU A 410 26.09 26.25 -19.03
C LEU A 410 27.51 25.82 -18.64
N GLU A 411 28.53 26.24 -19.41
CA GLU A 411 29.96 25.92 -19.15
C GLU A 411 30.61 26.99 -18.24
N ASN A 412 29.96 28.15 -18.06
CA ASN A 412 30.52 29.25 -17.21
C ASN A 412 30.74 28.77 -15.79
N GLN A 413 29.81 28.00 -15.19
CA GLN A 413 29.98 27.49 -13.82
C GLN A 413 30.92 26.29 -13.91
N LYS A 414 32.09 26.42 -13.30
CA LYS A 414 33.19 25.43 -13.39
C LYS A 414 33.03 24.42 -12.25
N GLU A 415 32.42 24.85 -11.14
CA GLU A 415 32.17 24.01 -9.95
C GLU A 415 30.97 23.07 -10.23
N SER A 416 30.73 22.15 -9.32
CA SER A 416 29.61 21.18 -9.35
C SER A 416 28.97 21.13 -7.96
N TYR A 417 27.64 21.06 -7.90
CA TYR A 417 26.87 20.75 -6.66
C TYR A 417 26.82 21.95 -5.71
N PHE A 418 27.98 22.39 -5.21
CA PHE A 418 28.12 23.54 -4.30
C PHE A 418 29.05 24.60 -4.89
N VAL A 419 28.61 25.86 -4.89
CA VAL A 419 29.36 27.01 -5.47
C VAL A 419 29.37 28.17 -4.48
N ASP A 420 30.16 29.18 -4.81
CA ASP A 420 30.20 30.52 -4.17
C ASP A 420 28.83 31.19 -4.38
N GLY A 421 28.12 31.48 -3.29
CA GLY A 421 26.80 32.13 -3.34
C GLY A 421 26.85 33.62 -3.02
N GLN A 422 28.07 34.19 -2.94
CA GLN A 422 28.25 35.65 -2.71
C GLN A 422 27.59 36.41 -3.85
N PRO A 423 26.80 37.48 -3.55
CA PRO A 423 26.22 38.34 -4.59
C PRO A 423 27.32 38.86 -5.53
N ARG A 424 27.02 38.96 -6.83
CA ARG A 424 28.01 39.25 -7.91
C ARG A 424 29.05 40.26 -7.40
N ASN B 46 -17.45 3.33 23.84
CA ASN B 46 -17.67 2.11 24.66
C ASN B 46 -16.48 1.16 24.47
N ASN B 47 -16.49 0.38 23.39
CA ASN B 47 -15.42 -0.60 23.04
C ASN B 47 -15.43 -0.77 21.53
N PRO B 48 -14.56 -0.04 20.80
CA PRO B 48 -14.59 -0.09 19.34
C PRO B 48 -13.98 -1.38 18.78
N TYR B 49 -13.39 -2.21 19.65
CA TYR B 49 -12.62 -3.43 19.29
C TYR B 49 -13.49 -4.68 19.40
N LEU B 50 -14.69 -4.54 19.98
CA LEU B 50 -15.60 -5.67 20.31
C LEU B 50 -16.69 -5.78 19.24
N PHE B 51 -16.84 -6.96 18.67
CA PHE B 51 -17.89 -7.24 17.65
C PHE B 51 -18.69 -8.46 18.09
N ARG B 52 -19.89 -8.22 18.62
CA ARG B 52 -20.83 -9.29 19.08
C ARG B 52 -21.41 -10.01 17.84
N SER B 53 -21.81 -11.27 18.01
CA SER B 53 -22.49 -12.11 16.99
C SER B 53 -23.58 -11.32 16.29
N ASN B 54 -24.18 -10.34 16.96
CA ASN B 54 -25.34 -9.56 16.44
C ASN B 54 -24.88 -8.42 15.53
N LYS B 55 -23.57 -8.19 15.36
CA LYS B 55 -23.08 -7.12 14.44
C LYS B 55 -22.73 -7.75 13.09
N PHE B 56 -23.18 -8.98 12.87
CA PHE B 56 -23.12 -9.71 11.57
C PHE B 56 -24.44 -9.51 10.83
N LEU B 57 -24.37 -9.22 9.53
CA LEU B 57 -25.52 -9.19 8.61
C LEU B 57 -25.71 -10.61 8.04
N THR B 58 -26.93 -11.13 8.03
CA THR B 58 -27.27 -12.40 7.33
C THR B 58 -27.37 -12.11 5.82
N LEU B 59 -26.48 -12.69 5.02
CA LEU B 59 -26.47 -12.54 3.54
C LEU B 59 -27.51 -13.50 2.96
N PHE B 60 -27.54 -14.71 3.48
CA PHE B 60 -28.47 -15.78 3.06
C PHE B 60 -28.68 -16.75 4.22
N LYS B 61 -29.93 -17.18 4.37
CA LYS B 61 -30.31 -18.23 5.36
C LYS B 61 -31.54 -18.96 4.85
N ASN B 62 -31.52 -20.29 4.90
CA ASN B 62 -32.71 -21.17 4.77
C ASN B 62 -32.56 -22.29 5.80
N GLN B 63 -33.31 -23.37 5.66
CA GLN B 63 -33.31 -24.45 6.68
C GLN B 63 -32.02 -25.27 6.53
N HIS B 64 -31.28 -25.10 5.43
CA HIS B 64 -30.08 -25.95 5.14
C HIS B 64 -28.78 -25.28 5.64
N GLY B 65 -28.77 -23.98 5.89
CA GLY B 65 -27.58 -23.27 6.41
C GLY B 65 -27.66 -21.77 6.26
N SER B 66 -26.53 -21.08 6.46
CA SER B 66 -26.49 -19.60 6.47
C SER B 66 -25.09 -19.04 6.16
N LEU B 67 -25.08 -17.86 5.57
CA LEU B 67 -23.88 -17.06 5.30
C LEU B 67 -24.08 -15.72 6.00
N ARG B 68 -23.15 -15.35 6.87
CA ARG B 68 -23.18 -14.07 7.63
C ARG B 68 -21.89 -13.29 7.37
N LEU B 69 -22.00 -11.97 7.33
CA LEU B 69 -20.90 -11.03 7.00
C LEU B 69 -20.77 -10.01 8.13
N LEU B 70 -19.59 -9.94 8.77
CA LEU B 70 -19.32 -8.95 9.84
C LEU B 70 -19.30 -7.55 9.23
N GLN B 71 -19.86 -6.55 9.92
CA GLN B 71 -19.74 -5.13 9.51
C GLN B 71 -18.26 -4.80 9.32
N ARG B 72 -17.96 -3.83 8.46
CA ARG B 72 -16.60 -3.27 8.29
C ARG B 72 -16.02 -2.96 9.66
N PHE B 73 -14.75 -3.30 9.87
CA PHE B 73 -14.03 -3.02 11.13
C PHE B 73 -14.11 -1.52 11.42
N ASN B 74 -14.19 -0.70 10.36
CA ASN B 74 -14.11 0.78 10.47
C ASN B 74 -15.51 1.41 10.37
N GLU B 75 -16.57 0.63 10.48
CA GLU B 75 -17.96 1.14 10.30
C GLU B 75 -18.25 2.17 11.40
N ASP B 76 -17.91 1.83 12.65
CA ASP B 76 -18.29 2.58 13.87
C ASP B 76 -17.06 3.15 14.57
N THR B 77 -15.87 3.19 13.95
CA THR B 77 -14.65 3.71 14.61
C THR B 77 -13.57 4.09 13.60
N GLU B 78 -12.80 5.12 13.92
CA GLU B 78 -11.62 5.59 13.14
C GLU B 78 -10.40 4.76 13.55
N LYS B 79 -10.53 3.96 14.60
CA LYS B 79 -9.39 3.31 15.28
C LYS B 79 -8.90 2.05 14.57
N LEU B 80 -9.62 1.54 13.58
CA LEU B 80 -9.26 0.27 12.91
C LEU B 80 -9.12 0.48 11.40
N GLU B 81 -8.59 1.62 10.99
N GLU B 81 -8.58 1.65 11.03
CA GLU B 81 -8.39 1.90 9.54
CA GLU B 81 -8.23 2.03 9.63
C GLU B 81 -7.41 0.86 8.98
C GLU B 81 -7.38 0.90 9.00
N ASN B 82 -6.53 0.26 9.80
CA ASN B 82 -5.57 -0.77 9.29
C ASN B 82 -6.29 -2.07 8.95
N LEU B 83 -7.60 -2.20 9.24
CA LEU B 83 -8.37 -3.43 8.97
C LEU B 83 -9.38 -3.20 7.82
N ARG B 84 -9.36 -2.02 7.19
CA ARG B 84 -10.42 -1.60 6.25
C ARG B 84 -10.54 -2.60 5.09
N ASP B 85 -9.45 -3.30 4.73
CA ASP B 85 -9.38 -4.18 3.54
C ASP B 85 -9.93 -5.57 3.83
N TYR B 86 -10.23 -5.86 5.10
CA TYR B 86 -10.54 -7.23 5.56
C TYR B 86 -12.01 -7.31 5.94
N ARG B 87 -12.68 -8.40 5.54
CA ARG B 87 -14.01 -8.76 6.07
C ARG B 87 -13.98 -10.19 6.61
N VAL B 88 -14.83 -10.45 7.59
CA VAL B 88 -15.04 -11.77 8.23
C VAL B 88 -16.42 -12.27 7.82
N LEU B 89 -16.51 -13.55 7.44
CA LEU B 89 -17.80 -14.24 7.13
C LEU B 89 -17.86 -15.53 7.95
N GLU B 90 -19.08 -15.93 8.32
CA GLU B 90 -19.37 -17.23 9.00
C GLU B 90 -20.31 -18.00 8.06
N TYR B 91 -19.93 -19.21 7.64
CA TYR B 91 -20.80 -20.14 6.86
C TYR B 91 -21.14 -21.34 7.74
N CYS B 92 -22.43 -21.63 7.90
CA CYS B 92 -22.95 -22.80 8.67
CA CYS B 92 -22.94 -22.81 8.67
C CYS B 92 -23.89 -23.60 7.77
N SER B 93 -23.72 -24.92 7.72
CA SER B 93 -24.58 -25.80 6.88
C SER B 93 -24.85 -27.14 7.58
N LYS B 94 -26.08 -27.62 7.41
CA LYS B 94 -26.58 -28.91 7.95
C LYS B 94 -25.91 -30.05 7.20
N PRO B 95 -26.07 -31.29 7.71
CA PRO B 95 -25.61 -32.48 6.99
C PRO B 95 -26.11 -32.57 5.54
N ASN B 96 -25.29 -33.15 4.66
CA ASN B 96 -25.63 -33.46 3.25
C ASN B 96 -26.02 -32.18 2.51
N THR B 97 -25.24 -31.10 2.64
CA THR B 97 -25.54 -29.80 2.00
C THR B 97 -24.42 -29.35 1.07
N LEU B 98 -24.81 -28.57 0.07
CA LEU B 98 -23.96 -28.06 -1.03
C LEU B 98 -24.24 -26.56 -1.13
N LEU B 99 -23.20 -25.75 -0.94
CA LEU B 99 -23.17 -24.32 -1.34
C LEU B 99 -22.83 -24.26 -2.82
N LEU B 100 -23.74 -23.75 -3.64
CA LEU B 100 -23.62 -23.83 -5.12
C LEU B 100 -22.43 -22.98 -5.61
N PRO B 101 -21.89 -23.33 -6.79
CA PRO B 101 -20.69 -22.69 -7.33
C PRO B 101 -20.81 -21.17 -7.52
N HIS B 102 -19.74 -20.47 -7.12
CA HIS B 102 -19.59 -19.00 -7.22
C HIS B 102 -18.12 -18.65 -7.11
N HIS B 103 -17.73 -17.50 -7.65
CA HIS B 103 -16.41 -16.89 -7.41
C HIS B 103 -16.62 -15.63 -6.56
N SER B 104 -15.63 -15.31 -5.74
CA SER B 104 -15.55 -14.03 -4.99
C SER B 104 -14.60 -13.09 -5.74
N ASP B 105 -14.81 -11.77 -5.65
CA ASP B 105 -13.89 -10.73 -6.19
C ASP B 105 -12.70 -10.57 -5.24
N SER B 106 -12.72 -11.25 -4.09
CA SER B 106 -11.69 -11.14 -3.03
C SER B 106 -10.96 -12.47 -2.81
N ASP B 107 -9.70 -12.41 -2.35
CA ASP B 107 -8.99 -13.60 -1.83
C ASP B 107 -9.70 -14.06 -0.54
N LEU B 108 -9.77 -15.37 -0.32
CA LEU B 108 -10.45 -15.95 0.87
C LEU B 108 -9.50 -16.88 1.59
N LEU B 109 -9.43 -16.71 2.91
CA LEU B 109 -8.85 -17.71 3.83
C LEU B 109 -10.04 -18.46 4.44
N VAL B 110 -10.10 -19.77 4.20
CA VAL B 110 -11.22 -20.63 4.64
C VAL B 110 -10.70 -21.54 5.76
N LEU B 111 -11.40 -21.56 6.89
CA LEU B 111 -11.02 -22.35 8.08
C LEU B 111 -12.23 -23.15 8.57
N VAL B 112 -12.08 -24.46 8.72
CA VAL B 112 -13.15 -25.32 9.33
C VAL B 112 -13.05 -25.20 10.85
N LEU B 113 -14.02 -24.54 11.46
CA LEU B 113 -14.15 -24.42 12.93
C LEU B 113 -14.78 -25.70 13.50
N GLU B 114 -15.69 -26.35 12.75
CA GLU B 114 -16.40 -27.57 13.23
C GLU B 114 -16.91 -28.41 12.06
N GLY B 115 -16.73 -29.72 12.18
CA GLY B 115 -17.19 -30.72 11.22
C GLY B 115 -16.14 -30.98 10.16
N GLN B 116 -16.58 -31.22 8.93
CA GLN B 116 -15.70 -31.57 7.80
C GLN B 116 -16.35 -31.05 6.52
N ALA B 117 -15.54 -30.84 5.49
CA ALA B 117 -16.04 -30.26 4.23
C ALA B 117 -15.29 -30.86 3.05
N ILE B 118 -15.93 -30.84 1.90
CA ILE B 118 -15.31 -31.11 0.59
C ILE B 118 -15.40 -29.79 -0.18
N LEU B 119 -14.23 -29.31 -0.62
CA LEU B 119 -14.06 -28.01 -1.31
C LEU B 119 -13.62 -28.32 -2.73
N VAL B 120 -14.37 -27.82 -3.72
CA VAL B 120 -13.97 -27.99 -5.15
C VAL B 120 -13.63 -26.62 -5.72
N LEU B 121 -12.40 -26.47 -6.22
CA LEU B 121 -11.95 -25.26 -6.94
C LEU B 121 -11.99 -25.53 -8.43
N VAL B 122 -12.81 -24.80 -9.16
CA VAL B 122 -12.92 -24.97 -10.64
C VAL B 122 -11.94 -24.00 -11.30
N ASN B 123 -11.10 -24.51 -12.19
CA ASN B 123 -10.18 -23.68 -13.01
C ASN B 123 -10.61 -23.84 -14.46
N PRO B 124 -10.09 -23.00 -15.38
CA PRO B 124 -10.55 -23.01 -16.77
C PRO B 124 -10.39 -24.36 -17.50
N ASP B 125 -9.52 -25.25 -17.03
CA ASP B 125 -9.11 -26.50 -17.74
C ASP B 125 -9.32 -27.73 -16.85
N GLY B 126 -9.93 -27.57 -15.68
CA GLY B 126 -10.16 -28.69 -14.75
C GLY B 126 -10.64 -28.23 -13.39
N ARG B 127 -10.42 -29.03 -12.37
CA ARG B 127 -10.89 -28.75 -10.99
C ARG B 127 -10.01 -29.49 -9.98
N ASP B 128 -9.97 -28.99 -8.75
CA ASP B 128 -9.22 -29.62 -7.64
C ASP B 128 -10.18 -29.82 -6.49
N THR B 129 -10.10 -30.98 -5.86
CA THR B 129 -11.06 -31.44 -4.83
C THR B 129 -10.29 -31.63 -3.54
N TYR B 130 -10.70 -30.98 -2.45
CA TYR B 130 -9.98 -31.06 -1.17
C TYR B 130 -10.93 -31.47 -0.05
N LYS B 131 -10.47 -32.41 0.78
CA LYS B 131 -11.12 -32.75 2.06
C LYS B 131 -10.57 -31.79 3.11
N LEU B 132 -11.45 -31.05 3.78
CA LEU B 132 -11.10 -30.20 4.95
C LEU B 132 -11.67 -30.81 6.23
N ASP B 133 -10.80 -31.15 7.17
CA ASP B 133 -11.17 -31.58 8.55
C ASP B 133 -11.10 -30.37 9.47
N GLN B 134 -11.61 -30.52 10.69
CA GLN B 134 -11.53 -29.51 11.78
C GLN B 134 -10.07 -29.01 11.85
N GLY B 135 -9.89 -27.69 11.92
CA GLY B 135 -8.56 -27.05 12.02
C GLY B 135 -7.87 -26.85 10.68
N ASP B 136 -8.42 -27.39 9.58
CA ASP B 136 -7.85 -27.25 8.21
C ASP B 136 -8.23 -25.89 7.64
N ALA B 137 -7.23 -25.22 7.06
CA ALA B 137 -7.37 -23.90 6.39
C ALA B 137 -6.78 -24.00 4.98
N ILE B 138 -7.25 -23.15 4.10
CA ILE B 138 -6.77 -23.05 2.70
C ILE B 138 -7.13 -21.67 2.15
N LYS B 139 -6.30 -21.15 1.25
CA LYS B 139 -6.57 -19.89 0.54
C LYS B 139 -7.35 -20.22 -0.73
N ILE B 140 -8.44 -19.50 -0.98
CA ILE B 140 -9.10 -19.49 -2.31
C ILE B 140 -8.78 -18.16 -3.00
N GLN B 141 -7.99 -18.23 -4.07
CA GLN B 141 -7.66 -17.10 -4.97
C GLN B 141 -8.96 -16.49 -5.49
N ALA B 142 -9.10 -15.16 -5.38
CA ALA B 142 -10.12 -14.34 -6.09
C ALA B 142 -10.37 -14.90 -7.49
N GLY B 143 -11.64 -14.98 -7.90
CA GLY B 143 -12.06 -15.31 -9.28
C GLY B 143 -12.01 -16.80 -9.57
N THR B 144 -11.76 -17.64 -8.56
CA THR B 144 -11.86 -19.11 -8.68
C THR B 144 -13.28 -19.52 -8.31
N PRO B 145 -14.10 -20.03 -9.25
CA PRO B 145 -15.40 -20.61 -8.91
C PRO B 145 -15.16 -21.79 -7.96
N PHE B 146 -15.93 -21.87 -6.88
CA PHE B 146 -15.83 -23.02 -5.95
C PHE B 146 -17.22 -23.37 -5.39
N TYR B 147 -17.33 -24.60 -4.90
CA TYR B 147 -18.53 -25.11 -4.18
C TYR B 147 -18.06 -25.93 -2.98
N LEU B 148 -18.90 -25.93 -1.95
CA LEU B 148 -18.60 -26.41 -0.57
C LEU B 148 -19.65 -27.44 -0.18
N ILE B 149 -19.23 -28.65 0.16
CA ILE B 149 -20.15 -29.76 0.58
C ILE B 149 -19.88 -30.11 2.04
N ASN B 150 -20.94 -30.24 2.82
CA ASN B 150 -20.89 -30.91 4.15
C ASN B 150 -21.25 -32.38 3.91
N PRO B 151 -20.26 -33.28 3.82
CA PRO B 151 -20.52 -34.67 3.49
C PRO B 151 -21.02 -35.48 4.71
N ASP B 152 -20.86 -34.97 5.92
CA ASP B 152 -21.30 -35.68 7.15
C ASP B 152 -22.82 -35.85 7.12
N ASN B 153 -23.31 -36.93 7.71
CA ASN B 153 -24.74 -37.32 7.73
C ASN B 153 -25.39 -36.82 9.02
N ASN B 154 -24.59 -36.48 10.04
CA ASN B 154 -25.11 -36.11 11.38
C ASN B 154 -24.56 -34.74 11.84
N GLN B 155 -23.28 -34.41 11.62
CA GLN B 155 -22.63 -33.22 12.23
CA GLN B 155 -22.63 -33.22 12.23
C GLN B 155 -22.72 -32.02 11.28
N ASN B 156 -23.06 -30.85 11.84
CA ASN B 156 -23.08 -29.57 11.10
C ASN B 156 -21.66 -29.21 10.64
N LEU B 157 -21.55 -28.29 9.67
CA LEU B 157 -20.25 -27.71 9.23
C LEU B 157 -20.26 -26.22 9.58
N ARG B 158 -19.25 -25.76 10.32
CA ARG B 158 -19.01 -24.32 10.60
C ARG B 158 -17.65 -23.93 10.02
N ILE B 159 -17.69 -22.91 9.18
CA ILE B 159 -16.50 -22.39 8.45
C ILE B 159 -16.36 -20.89 8.76
N LEU B 160 -15.13 -20.47 9.09
CA LEU B 160 -14.78 -19.04 9.20
C LEU B 160 -14.12 -18.65 7.88
N LYS B 161 -14.62 -17.59 7.21
CA LYS B 161 -14.04 -17.07 5.94
C LYS B 161 -13.43 -15.69 6.20
N PHE B 162 -12.14 -15.51 5.95
CA PHE B 162 -11.43 -14.20 6.01
C PHE B 162 -11.21 -13.66 4.59
N ALA B 163 -11.86 -12.56 4.25
CA ALA B 163 -11.78 -11.92 2.91
C ALA B 163 -10.70 -10.84 2.89
N ILE B 164 -9.74 -10.95 1.97
CA ILE B 164 -8.73 -9.89 1.68
C ILE B 164 -9.14 -9.23 0.35
N THR B 165 -9.69 -8.02 0.43
CA THR B 165 -10.30 -7.27 -0.69
C THR B 165 -9.24 -6.39 -1.37
N PHE B 166 -9.36 -6.17 -2.67
CA PHE B 166 -8.42 -5.40 -3.50
C PHE B 166 -9.14 -4.66 -4.63
N ARG B 167 -10.24 -5.20 -5.16
CA ARG B 167 -10.97 -4.53 -6.26
C ARG B 167 -11.63 -3.25 -5.72
N ARG B 168 -12.46 -3.42 -4.69
CA ARG B 168 -13.09 -2.32 -3.93
C ARG B 168 -12.79 -2.59 -2.47
N PRO B 169 -11.72 -1.96 -1.93
CA PRO B 169 -11.31 -2.17 -0.55
C PRO B 169 -12.48 -2.11 0.44
N GLY B 170 -12.59 -3.16 1.27
CA GLY B 170 -13.66 -3.30 2.29
C GLY B 170 -14.94 -3.94 1.76
N THR B 171 -15.06 -4.16 0.45
CA THR B 171 -16.29 -4.74 -0.17
C THR B 171 -15.99 -6.16 -0.67
N VAL B 172 -16.84 -7.11 -0.31
CA VAL B 172 -16.77 -8.52 -0.78
C VAL B 172 -18.00 -8.79 -1.62
N GLU B 173 -17.82 -9.24 -2.85
CA GLU B 173 -18.94 -9.64 -3.76
C GLU B 173 -18.77 -11.12 -4.12
N ASP B 174 -19.87 -11.84 -4.21
CA ASP B 174 -19.91 -13.26 -4.65
C ASP B 174 -20.71 -13.33 -5.95
N PHE B 175 -20.21 -14.01 -6.97
CA PHE B 175 -20.91 -14.21 -8.27
C PHE B 175 -21.46 -15.64 -8.36
N PHE B 176 -22.76 -15.80 -8.09
CA PHE B 176 -23.48 -17.10 -8.15
C PHE B 176 -24.02 -17.33 -9.56
N LEU B 177 -23.64 -18.46 -10.13
CA LEU B 177 -24.12 -18.96 -11.45
C LEU B 177 -25.62 -19.28 -11.39
N SER B 178 -26.12 -19.70 -10.22
CA SER B 178 -27.51 -20.14 -10.00
CA SER B 178 -27.51 -20.14 -9.99
C SER B 178 -28.45 -18.93 -9.87
N SER B 179 -29.57 -18.96 -10.60
CA SER B 179 -30.72 -18.03 -10.44
C SER B 179 -31.52 -18.45 -9.23
N THR B 180 -31.78 -17.55 -8.29
CA THR B 180 -32.56 -17.88 -7.06
C THR B 180 -33.43 -16.66 -6.71
N LYS B 181 -34.29 -16.81 -5.71
CA LYS B 181 -35.23 -15.75 -5.26
C LYS B 181 -34.42 -14.48 -4.99
N ARG B 182 -33.29 -14.61 -4.30
CA ARG B 182 -32.55 -13.44 -3.78
C ARG B 182 -31.84 -12.72 -4.96
N LEU B 183 -31.57 -13.38 -6.09
CA LEU B 183 -30.86 -12.77 -7.25
C LEU B 183 -30.86 -13.70 -8.46
N PRO B 184 -31.12 -13.19 -9.68
CA PRO B 184 -30.95 -14.00 -10.89
C PRO B 184 -29.46 -14.32 -11.12
N SER B 185 -29.21 -15.34 -11.94
CA SER B 185 -27.86 -15.68 -12.46
C SER B 185 -27.25 -14.44 -13.11
N TYR B 186 -25.95 -14.23 -12.91
CA TYR B 186 -25.22 -13.09 -13.52
C TYR B 186 -25.25 -13.24 -15.05
N LEU B 187 -25.38 -14.47 -15.55
CA LEU B 187 -25.43 -14.74 -17.01
C LEU B 187 -26.65 -14.02 -17.61
N SER B 188 -27.69 -13.81 -16.80
CA SER B 188 -29.03 -13.33 -17.27
C SER B 188 -28.94 -11.85 -17.61
N ALA B 189 -27.90 -11.16 -17.13
CA ALA B 189 -27.73 -9.70 -17.28
C ALA B 189 -27.25 -9.36 -18.69
N PHE B 190 -26.73 -10.33 -19.43
CA PHE B 190 -26.31 -10.14 -20.85
C PHE B 190 -27.58 -10.11 -21.72
N SER B 191 -27.52 -9.41 -22.86
CA SER B 191 -28.62 -9.29 -23.85
C SER B 191 -28.88 -10.65 -24.51
N LYS B 192 -30.08 -10.83 -25.06
CA LYS B 192 -30.50 -12.05 -25.78
C LYS B 192 -29.47 -12.35 -26.88
N ASN B 193 -29.16 -11.37 -27.73
CA ASN B 193 -28.27 -11.56 -28.91
C ASN B 193 -26.89 -12.03 -28.43
N PHE B 194 -26.36 -11.41 -27.37
CA PHE B 194 -25.05 -11.80 -26.77
C PHE B 194 -25.12 -13.26 -26.31
N LEU B 195 -26.17 -13.65 -25.60
CA LEU B 195 -26.29 -15.01 -25.05
C LEU B 195 -26.45 -16.02 -26.21
N GLU B 196 -27.31 -15.72 -27.19
CA GLU B 196 -27.58 -16.65 -28.33
C GLU B 196 -26.29 -16.89 -29.13
N ALA B 197 -25.53 -15.83 -29.44
CA ALA B 197 -24.27 -15.90 -30.22
C ALA B 197 -23.19 -16.63 -29.41
N SER B 198 -23.09 -16.29 -28.12
CA SER B 198 -22.13 -16.89 -27.16
C SER B 198 -22.32 -18.41 -27.13
N TYR B 199 -23.53 -18.87 -26.81
CA TYR B 199 -23.80 -20.32 -26.58
C TYR B 199 -24.32 -20.98 -27.85
N ASP B 200 -24.42 -20.25 -28.97
CA ASP B 200 -24.84 -20.78 -30.30
C ASP B 200 -26.12 -21.61 -30.13
N SER B 201 -27.13 -21.05 -29.47
CA SER B 201 -28.37 -21.71 -29.00
C SER B 201 -29.47 -20.66 -28.91
N PRO B 202 -30.74 -21.02 -29.18
CA PRO B 202 -31.84 -20.06 -29.11
C PRO B 202 -32.05 -19.66 -27.64
N TYR B 203 -32.52 -18.43 -27.43
CA TYR B 203 -32.62 -17.84 -26.07
C TYR B 203 -33.48 -18.77 -25.19
N ASP B 204 -34.54 -19.35 -25.77
CA ASP B 204 -35.54 -20.22 -25.08
C ASP B 204 -34.84 -21.36 -24.36
N GLU B 205 -33.95 -22.06 -25.09
CA GLU B 205 -33.13 -23.18 -24.54
C GLU B 205 -32.20 -22.65 -23.44
N ILE B 206 -31.50 -21.55 -23.69
CA ILE B 206 -30.56 -20.95 -22.69
C ILE B 206 -31.36 -20.62 -21.43
N GLU B 207 -32.48 -19.91 -21.58
CA GLU B 207 -33.34 -19.44 -20.44
C GLU B 207 -33.86 -20.62 -19.61
N GLN B 208 -34.40 -21.66 -20.25
CA GLN B 208 -34.99 -22.83 -19.52
C GLN B 208 -33.86 -23.66 -18.88
N THR B 209 -32.68 -23.74 -19.52
CA THR B 209 -31.58 -24.65 -19.13
C THR B 209 -30.61 -24.00 -18.11
N LEU B 210 -30.35 -22.68 -18.21
CA LEU B 210 -29.32 -21.98 -17.38
C LEU B 210 -29.95 -20.94 -16.45
N LEU B 211 -30.99 -20.22 -16.88
CA LEU B 211 -31.34 -18.89 -16.29
C LEU B 211 -32.54 -18.95 -15.33
N GLN B 212 -33.55 -19.79 -15.55
CA GLN B 212 -34.86 -19.67 -14.85
C GLN B 212 -34.70 -19.75 -13.31
N GLU B 213 -35.37 -18.84 -12.60
CA GLU B 213 -35.24 -18.61 -11.14
C GLU B 213 -35.65 -19.88 -10.39
N GLU B 214 -34.67 -20.55 -9.76
CA GLU B 214 -34.81 -21.82 -9.00
C GLU B 214 -35.62 -21.64 -7.70
N GLN B 215 -36.05 -22.79 -7.14
CA GLN B 215 -37.02 -22.92 -6.03
C GLN B 215 -36.28 -22.81 -4.68
N GLU B 216 -35.08 -23.38 -4.55
CA GLU B 216 -34.27 -23.24 -3.32
C GLU B 216 -33.37 -22.01 -3.52
N GLY B 217 -32.58 -21.69 -2.50
CA GLY B 217 -31.52 -20.67 -2.58
C GLY B 217 -30.18 -21.30 -2.97
N VAL B 218 -29.07 -20.76 -2.46
CA VAL B 218 -27.69 -21.08 -2.92
C VAL B 218 -27.11 -22.22 -2.08
N ILE B 219 -27.83 -22.64 -1.02
CA ILE B 219 -27.51 -23.85 -0.21
C ILE B 219 -28.65 -24.87 -0.37
N VAL B 220 -28.33 -26.07 -0.86
CA VAL B 220 -29.33 -27.12 -1.21
C VAL B 220 -28.90 -28.45 -0.55
N LYS B 221 -29.82 -29.40 -0.38
CA LYS B 221 -29.51 -30.79 0.03
C LYS B 221 -28.85 -31.51 -1.15
N MET B 222 -27.82 -32.34 -0.93
CA MET B 222 -27.09 -33.02 -2.04
C MET B 222 -27.32 -34.53 -1.97
N PRO B 223 -27.69 -35.18 -3.11
CA PRO B 223 -27.70 -36.65 -3.23
C PRO B 223 -26.51 -37.47 -2.70
N LYS B 224 -26.58 -38.80 -2.89
CA LYS B 224 -25.81 -39.83 -2.14
C LYS B 224 -26.19 -39.73 -0.66
N ASP B 225 -27.47 -39.49 -0.36
CA ASP B 225 -27.97 -39.06 0.98
C ASP B 225 -27.97 -40.25 1.95
N ASP B 246 -2.21 -23.82 -2.89
CA ASP B 246 -1.72 -25.21 -2.66
C ASP B 246 -2.72 -25.97 -1.78
N LYS B 247 -2.25 -26.99 -1.04
CA LYS B 247 -3.07 -27.94 -0.24
C LYS B 247 -3.56 -27.30 1.05
N PRO B 248 -4.65 -27.82 1.65
CA PRO B 248 -5.06 -27.45 3.00
C PRO B 248 -3.93 -27.70 4.00
N PHE B 249 -3.86 -26.89 5.06
CA PHE B 249 -2.90 -27.08 6.17
C PHE B 249 -3.68 -26.93 7.49
N ASN B 250 -3.30 -27.72 8.48
CA ASN B 250 -4.00 -27.73 9.79
C ASN B 250 -3.32 -26.76 10.75
N LEU B 251 -4.10 -26.01 11.52
CA LEU B 251 -3.58 -25.00 12.49
C LEU B 251 -2.66 -25.70 13.51
N ARG B 252 -2.85 -27.01 13.70
CA ARG B 252 -2.10 -27.81 14.71
C ARG B 252 -1.12 -28.78 14.03
N SER B 253 -0.66 -28.49 12.81
CA SER B 253 0.25 -29.36 12.03
C SER B 253 1.66 -29.32 12.64
N ARG B 254 1.98 -28.31 13.45
CA ARG B 254 3.31 -28.20 14.12
CA ARG B 254 3.30 -28.25 14.13
C ARG B 254 3.11 -28.24 15.65
N ASP B 255 4.18 -28.54 16.38
CA ASP B 255 4.19 -28.44 17.86
C ASP B 255 3.65 -27.08 18.26
N PRO B 256 2.85 -27.01 19.35
CA PRO B 256 2.36 -25.73 19.86
C PRO B 256 3.56 -24.90 20.30
N ILE B 257 3.46 -23.57 20.23
CA ILE B 257 4.59 -22.66 20.57
C ILE B 257 4.58 -22.42 22.09
N TYR B 258 3.40 -22.46 22.73
CA TYR B 258 3.25 -22.46 24.21
C TYR B 258 2.33 -23.62 24.59
N SER B 259 2.71 -24.37 25.62
CA SER B 259 2.03 -25.62 26.06
C SER B 259 2.41 -25.93 27.51
N ASN B 260 1.43 -25.95 28.41
CA ASN B 260 1.61 -26.41 29.81
C ASN B 260 0.28 -27.01 30.28
N ASN B 261 0.07 -27.18 31.58
CA ASN B 261 -1.14 -27.88 32.11
C ASN B 261 -2.39 -26.99 32.00
N TYR B 262 -2.24 -25.70 31.69
CA TYR B 262 -3.35 -24.72 31.72
C TYR B 262 -3.84 -24.38 30.30
N GLY B 263 -2.92 -24.32 29.32
CA GLY B 263 -3.28 -23.94 27.94
C GLY B 263 -2.25 -24.39 26.91
N LYS B 264 -2.64 -24.34 25.64
CA LYS B 264 -1.77 -24.53 24.44
C LYS B 264 -2.09 -23.41 23.44
N LEU B 265 -1.06 -22.91 22.75
CA LEU B 265 -1.25 -22.05 21.56
C LEU B 265 -0.43 -22.65 20.43
N TYR B 266 -1.10 -22.95 19.31
CA TYR B 266 -0.48 -23.31 18.02
C TYR B 266 -0.47 -22.04 17.18
N GLU B 267 0.53 -21.88 16.33
CA GLU B 267 0.65 -20.67 15.47
C GLU B 267 1.33 -21.05 14.16
N ILE B 268 0.70 -20.69 13.06
CA ILE B 268 1.29 -20.77 11.69
C ILE B 268 1.55 -19.33 11.21
N THR B 269 2.78 -19.08 10.77
CA THR B 269 3.28 -17.73 10.41
CA THR B 269 3.28 -17.73 10.41
C THR B 269 3.51 -17.65 8.91
N PRO B 270 3.53 -16.42 8.33
CA PRO B 270 3.82 -16.25 6.90
C PRO B 270 5.24 -16.73 6.57
N GLU B 271 6.14 -16.69 7.55
CA GLU B 271 7.55 -17.14 7.36
C GLU B 271 7.57 -18.63 6.97
N LYS B 272 6.60 -19.41 7.42
CA LYS B 272 6.64 -20.89 7.36
C LYS B 272 5.57 -21.42 6.40
N ASN B 273 4.63 -20.58 5.93
CA ASN B 273 3.50 -21.01 5.09
C ASN B 273 3.37 -20.13 3.85
N SER B 274 3.52 -20.70 2.65
CA SER B 274 3.52 -19.97 1.36
C SER B 274 2.16 -19.29 1.12
N GLN B 275 1.06 -19.91 1.50
CA GLN B 275 -0.29 -19.34 1.28
C GLN B 275 -0.44 -18.08 2.16
N LEU B 276 -0.03 -18.17 3.43
CA LEU B 276 -0.11 -17.04 4.40
C LEU B 276 0.90 -15.95 4.04
N ARG B 277 2.02 -16.29 3.38
CA ARG B 277 3.11 -15.34 3.06
C ARG B 277 2.56 -14.23 2.14
N ASP B 278 1.81 -14.59 1.11
CA ASP B 278 1.26 -13.65 0.11
C ASP B 278 0.27 -12.69 0.77
N LEU B 279 -0.35 -13.12 1.87
CA LEU B 279 -1.41 -12.34 2.55
C LEU B 279 -0.81 -11.58 3.72
N ASP B 280 0.42 -11.93 4.13
CA ASP B 280 1.11 -11.37 5.33
C ASP B 280 0.27 -11.63 6.59
N ILE B 281 -0.15 -12.87 6.81
CA ILE B 281 -1.11 -13.22 7.88
C ILE B 281 -0.55 -14.39 8.68
N LEU B 282 -0.75 -14.38 10.01
CA LEU B 282 -0.58 -15.59 10.85
C LEU B 282 -1.95 -16.07 11.35
N LEU B 283 -2.09 -17.38 11.55
CA LEU B 283 -3.29 -18.00 12.18
C LEU B 283 -2.84 -18.68 13.47
N ASN B 284 -3.55 -18.49 14.57
CA ASN B 284 -3.22 -19.23 15.81
C ASN B 284 -4.50 -19.89 16.35
N OCS B 285 -4.28 -20.86 17.22
CA OCS B 285 -5.34 -21.69 17.74
CB OCS B 285 -5.40 -22.99 16.96
SG OCS B 285 -6.71 -24.09 17.42
C OCS B 285 -5.09 -21.87 19.23
O OCS B 285 -4.07 -22.42 19.63
OD1 OCS B 285 -6.38 -24.60 18.72
OD2 OCS B 285 -6.63 -25.14 16.28
OD3 OCS B 285 -7.95 -23.35 17.28
N LEU B 286 -6.03 -21.37 20.05
CA LEU B 286 -5.87 -21.33 21.49
C LEU B 286 -6.79 -22.36 22.16
N GLN B 287 -6.22 -23.18 23.04
CA GLN B 287 -7.01 -24.10 23.92
C GLN B 287 -6.65 -23.79 25.37
N MET B 288 -7.63 -23.49 26.22
CA MET B 288 -7.38 -23.25 27.66
C MET B 288 -8.42 -24.01 28.51
N ASN B 289 -7.99 -24.50 29.68
CA ASN B 289 -8.87 -25.12 30.70
C ASN B 289 -9.57 -24.00 31.48
N GLU B 290 -10.82 -24.24 31.88
CA GLU B 290 -11.60 -23.35 32.77
C GLU B 290 -10.69 -22.91 33.91
N GLY B 291 -10.61 -21.60 34.17
CA GLY B 291 -9.80 -21.01 35.26
C GLY B 291 -8.37 -20.68 34.84
N ALA B 292 -7.91 -21.15 33.68
CA ALA B 292 -6.57 -20.79 33.14
C ALA B 292 -6.58 -19.31 32.73
N LEU B 293 -5.41 -18.66 32.84
CA LEU B 293 -5.19 -17.23 32.46
C LEU B 293 -4.01 -17.15 31.49
N PHE B 294 -4.27 -16.65 30.28
CA PHE B 294 -3.25 -16.21 29.30
C PHE B 294 -2.76 -14.85 29.80
N VAL B 295 -1.53 -14.79 30.33
CA VAL B 295 -1.03 -13.63 31.11
C VAL B 295 -0.82 -12.43 30.18
N PRO B 296 -0.82 -11.21 30.76
CA PRO B 296 -0.55 -9.99 30.02
C PRO B 296 0.66 -10.12 29.07
N HIS B 297 0.44 -9.78 27.81
CA HIS B 297 1.44 -9.81 26.72
C HIS B 297 0.97 -8.87 25.61
N TYR B 298 1.83 -8.60 24.64
CA TYR B 298 1.46 -7.77 23.48
C TYR B 298 2.22 -8.29 22.27
N ASN B 299 1.65 -8.03 21.09
CA ASN B 299 2.25 -8.37 19.77
C ASN B 299 2.94 -7.12 19.24
N SER B 300 4.17 -7.25 18.74
CA SER B 300 4.97 -6.12 18.24
C SER B 300 4.36 -5.56 16.94
N ARG B 301 3.82 -6.41 16.06
CA ARG B 301 3.47 -5.99 14.67
C ARG B 301 2.04 -6.42 14.28
N ALA B 302 1.64 -7.65 14.65
CA ALA B 302 0.35 -8.25 14.22
C ALA B 302 -0.80 -7.61 14.98
N THR B 303 -1.85 -7.19 14.27
CA THR B 303 -3.18 -6.90 14.88
C THR B 303 -3.99 -8.19 14.82
N VAL B 304 -4.43 -8.72 15.96
CA VAL B 304 -5.06 -10.08 16.01
C VAL B 304 -6.58 -9.94 16.11
N ILE B 305 -7.28 -10.51 15.15
CA ILE B 305 -8.76 -10.69 15.15
C ILE B 305 -9.04 -12.02 15.86
N LEU B 306 -9.47 -11.95 17.12
CA LEU B 306 -9.68 -13.15 17.98
C LEU B 306 -11.15 -13.57 17.90
N VAL B 307 -11.39 -14.81 17.47
CA VAL B 307 -12.76 -15.37 17.24
C VAL B 307 -13.03 -16.42 18.31
N ALA B 308 -14.05 -16.21 19.14
CA ALA B 308 -14.49 -17.20 20.13
C ALA B 308 -15.17 -18.36 19.38
N ASN B 309 -14.64 -19.56 19.54
CA ASN B 309 -15.13 -20.77 18.82
C ASN B 309 -16.00 -21.58 19.79
N GLU B 310 -15.40 -22.07 20.89
CA GLU B 310 -16.08 -22.81 21.98
C GLU B 310 -15.71 -22.22 23.34
N GLY B 311 -16.68 -22.17 24.25
CA GLY B 311 -16.51 -21.71 25.64
C GLY B 311 -16.59 -20.21 25.74
N ARG B 312 -16.37 -19.68 26.94
CA ARG B 312 -16.49 -18.24 27.25
C ARG B 312 -15.12 -17.74 27.71
N ALA B 313 -14.68 -16.63 27.12
CA ALA B 313 -13.38 -15.98 27.39
C ALA B 313 -13.62 -14.63 28.05
N GLU B 314 -12.99 -14.37 29.19
CA GLU B 314 -12.91 -13.03 29.84
C GLU B 314 -11.64 -12.33 29.34
N VAL B 315 -11.81 -11.34 28.48
CA VAL B 315 -10.67 -10.60 27.85
C VAL B 315 -10.51 -9.27 28.58
N GLU B 316 -9.26 -8.92 28.88
CA GLU B 316 -8.88 -7.54 29.27
C GLU B 316 -7.85 -7.05 28.26
N LEU B 317 -8.17 -5.95 27.60
CA LEU B 317 -7.31 -5.31 26.58
C LEU B 317 -6.96 -3.92 27.08
N VAL B 318 -5.69 -3.54 27.03
CA VAL B 318 -5.24 -2.21 27.53
C VAL B 318 -4.72 -1.39 26.35
N GLY B 319 -5.33 -0.22 26.13
CA GLY B 319 -5.02 0.67 25.00
C GLY B 319 -4.64 2.09 25.43
N LEU B 320 -3.89 2.78 24.58
CA LEU B 320 -3.64 4.25 24.63
C LEU B 320 -4.35 4.89 23.44
N GLU B 321 -5.18 5.89 23.72
CA GLU B 321 -6.12 6.49 22.74
C GLU B 321 -5.95 8.01 22.70
N GLN B 322 -5.96 8.56 21.49
CA GLN B 322 -5.91 10.02 21.23
C GLN B 322 -7.34 10.57 21.36
N MET B 331 -3.29 10.97 25.23
CA MET B 331 -4.46 11.56 25.95
C MET B 331 -4.84 10.67 27.15
N GLN B 332 -5.33 9.46 26.90
CA GLN B 332 -5.99 8.61 27.94
C GLN B 332 -5.52 7.15 27.84
N LEU B 333 -5.45 6.49 28.98
CA LEU B 333 -5.22 5.03 29.15
C LEU B 333 -6.58 4.37 29.36
N ARG B 334 -6.94 3.37 28.54
CA ARG B 334 -8.29 2.76 28.56
C ARG B 334 -8.18 1.27 28.82
N ARG B 335 -9.01 0.78 29.74
CA ARG B 335 -9.25 -0.66 29.95
C ARG B 335 -10.48 -1.08 29.13
N TYR B 336 -10.34 -2.12 28.30
CA TYR B 336 -11.45 -2.74 27.53
C TYR B 336 -11.64 -4.17 28.06
N ALA B 337 -12.78 -4.42 28.71
CA ALA B 337 -13.09 -5.70 29.39
C ALA B 337 -14.39 -6.24 28.82
N ALA B 338 -14.37 -7.47 28.31
CA ALA B 338 -15.56 -8.13 27.76
C ALA B 338 -15.44 -9.63 28.03
N THR B 339 -16.59 -10.28 28.26
CA THR B 339 -16.70 -11.74 28.21
C THR B 339 -17.22 -12.08 26.82
N LEU B 340 -16.52 -12.96 26.11
CA LEU B 340 -16.88 -13.38 24.73
C LEU B 340 -17.46 -14.80 24.77
N SER B 341 -18.65 -14.97 24.19
CA SER B 341 -19.31 -16.28 23.95
C SER B 341 -19.00 -16.67 22.51
N GLU B 342 -19.45 -17.84 22.07
CA GLU B 342 -19.23 -18.35 20.69
C GLU B 342 -19.69 -17.28 19.70
N GLY B 343 -18.93 -17.10 18.62
CA GLY B 343 -19.25 -16.16 17.53
C GLY B 343 -18.66 -14.77 17.75
N ASP B 344 -18.53 -14.35 19.01
CA ASP B 344 -18.05 -12.99 19.41
C ASP B 344 -16.60 -12.82 18.92
N ILE B 345 -16.26 -11.60 18.48
CA ILE B 345 -14.91 -11.24 17.96
C ILE B 345 -14.37 -10.06 18.78
N ILE B 346 -13.10 -10.08 19.14
CA ILE B 346 -12.41 -8.86 19.67
C ILE B 346 -11.14 -8.65 18.86
N VAL B 347 -10.89 -7.41 18.48
CA VAL B 347 -9.62 -7.02 17.79
C VAL B 347 -8.59 -6.58 18.83
N ILE B 348 -7.40 -7.17 18.76
CA ILE B 348 -6.23 -6.85 19.62
C ILE B 348 -5.21 -6.14 18.78
N PRO B 349 -5.21 -4.78 18.73
CA PRO B 349 -4.20 -4.02 18.00
C PRO B 349 -2.78 -4.34 18.48
N SER B 350 -1.82 -4.31 17.58
CA SER B 350 -0.38 -4.49 17.92
C SER B 350 0.00 -3.45 18.99
N SER B 351 0.92 -3.83 19.88
CA SER B 351 1.47 -3.04 21.01
C SER B 351 0.54 -2.96 22.22
N PHE B 352 -0.76 -3.23 22.06
CA PHE B 352 -1.76 -3.19 23.16
C PHE B 352 -1.65 -4.42 24.04
N PRO B 353 -1.31 -4.29 25.34
CA PRO B 353 -1.29 -5.42 26.26
C PRO B 353 -2.66 -6.08 26.38
N VAL B 354 -2.68 -7.41 26.43
CA VAL B 354 -3.94 -8.20 26.47
C VAL B 354 -3.75 -9.42 27.36
N ALA B 355 -4.83 -9.82 28.00
CA ALA B 355 -4.88 -11.01 28.89
C ALA B 355 -6.28 -11.62 28.79
N LEU B 356 -6.34 -12.93 29.01
CA LEU B 356 -7.55 -13.72 28.69
C LEU B 356 -7.69 -14.85 29.71
N LYS B 357 -8.82 -14.87 30.40
CA LYS B 357 -9.15 -15.92 31.39
C LYS B 357 -10.27 -16.79 30.82
N ALA B 358 -10.09 -18.12 30.85
CA ALA B 358 -11.10 -19.13 30.44
C ALA B 358 -12.17 -19.28 31.53
N ALA B 359 -13.39 -18.79 31.28
CA ALA B 359 -14.55 -18.93 32.19
C ALA B 359 -15.10 -20.36 32.08
N SER B 360 -14.97 -20.97 30.89
CA SER B 360 -15.17 -22.42 30.66
C SER B 360 -13.95 -22.94 29.89
N ASP B 361 -13.83 -24.26 29.68
CA ASP B 361 -12.84 -24.80 28.71
C ASP B 361 -13.14 -24.06 27.40
N LEU B 362 -12.12 -23.64 26.69
CA LEU B 362 -12.38 -22.80 25.49
C LEU B 362 -11.40 -23.12 24.38
N ASN B 363 -11.89 -22.91 23.16
CA ASN B 363 -11.11 -22.92 21.91
C ASN B 363 -11.32 -21.57 21.23
N MET B 364 -10.24 -20.96 20.77
CA MET B 364 -10.32 -19.66 20.05
CA MET B 364 -10.32 -19.65 20.06
C MET B 364 -9.40 -19.70 18.83
N VAL B 365 -9.75 -18.94 17.82
CA VAL B 365 -8.94 -18.81 16.59
C VAL B 365 -8.55 -17.34 16.48
N GLY B 366 -7.26 -17.08 16.25
CA GLY B 366 -6.72 -15.73 15.99
C GLY B 366 -6.31 -15.57 14.53
N ILE B 367 -6.75 -14.50 13.88
CA ILE B 367 -6.22 -14.07 12.56
C ILE B 367 -5.36 -12.80 12.76
N GLY B 368 -4.05 -12.91 12.57
CA GLY B 368 -3.09 -11.80 12.70
C GLY B 368 -2.71 -11.20 11.35
N VAL B 369 -3.10 -9.94 11.12
CA VAL B 369 -2.75 -9.15 9.91
C VAL B 369 -1.47 -8.35 10.22
N ASN B 370 -0.71 -8.00 9.19
CA ASN B 370 0.62 -7.34 9.32
C ASN B 370 1.56 -8.26 10.10
N ALA B 371 1.58 -9.55 9.76
CA ALA B 371 2.10 -10.62 10.64
C ALA B 371 3.61 -10.75 10.52
N GLU B 372 4.21 -10.32 9.41
CA GLU B 372 5.64 -10.61 9.16
C GLU B 372 6.48 -10.11 10.34
N ASN B 373 7.31 -10.98 10.88
CA ASN B 373 8.32 -10.66 11.92
C ASN B 373 7.62 -10.26 13.23
N ASN B 374 6.37 -10.67 13.41
CA ASN B 374 5.68 -10.46 14.70
C ASN B 374 6.50 -11.09 15.82
N GLU B 375 6.54 -10.46 16.99
CA GLU B 375 7.14 -11.06 18.20
C GLU B 375 6.20 -10.80 19.38
N ARG B 376 5.93 -11.83 20.17
CA ARG B 376 5.03 -11.74 21.34
C ARG B 376 5.89 -11.42 22.57
N ASN B 377 5.60 -10.31 23.27
CA ASN B 377 6.33 -9.93 24.52
C ASN B 377 5.43 -10.17 25.74
N PHE B 378 5.85 -11.02 26.67
CA PHE B 378 5.11 -11.31 27.93
C PHE B 378 5.54 -10.32 29.03
N LEU B 379 4.59 -9.96 29.90
CA LEU B 379 4.76 -8.98 31.01
C LEU B 379 4.65 -9.69 32.36
N ALA B 380 4.49 -11.01 32.35
CA ALA B 380 4.42 -11.86 33.56
C ALA B 380 4.91 -13.26 33.22
N GLY B 381 5.23 -14.04 34.26
CA GLY B 381 5.70 -15.42 34.10
C GLY B 381 7.20 -15.43 33.87
N HIS B 382 7.78 -16.62 33.81
CA HIS B 382 9.25 -16.84 33.84
C HIS B 382 9.81 -16.54 32.45
N LYS B 383 9.25 -17.14 31.40
CA LYS B 383 9.83 -17.17 30.03
C LYS B 383 9.26 -16.02 29.19
N GLU B 384 10.14 -15.36 28.44
CA GLU B 384 9.83 -14.32 27.41
C GLU B 384 9.16 -13.12 28.06
N ASN B 385 9.43 -12.92 29.36
CA ASN B 385 9.01 -11.77 30.19
C ASN B 385 9.99 -10.61 29.98
N VAL B 386 9.62 -9.60 29.18
CA VAL B 386 10.56 -8.47 28.86
C VAL B 386 10.92 -7.73 30.14
N ILE B 387 10.00 -7.65 31.10
CA ILE B 387 10.27 -6.86 32.34
C ILE B 387 11.46 -7.49 33.10
N ARG B 388 11.55 -8.83 33.09
CA ARG B 388 12.63 -9.57 33.81
C ARG B 388 13.99 -9.24 33.18
N GLN B 389 14.00 -8.64 31.99
CA GLN B 389 15.24 -8.43 31.20
C GLN B 389 15.79 -7.03 31.46
N ILE B 390 15.07 -6.20 32.23
CA ILE B 390 15.52 -4.83 32.62
C ILE B 390 16.46 -4.96 33.83
N PRO B 391 17.72 -4.50 33.73
CA PRO B 391 18.68 -4.66 34.83
C PRO B 391 18.29 -3.91 36.11
N ARG B 392 18.71 -4.42 37.27
CA ARG B 392 18.35 -3.93 38.62
C ARG B 392 18.51 -2.41 38.72
N GLN B 393 19.66 -1.86 38.29
CA GLN B 393 19.92 -0.41 38.34
C GLN B 393 18.73 0.34 37.74
N VAL B 394 18.25 -0.09 36.57
CA VAL B 394 17.21 0.67 35.80
C VAL B 394 15.82 0.33 36.35
N SER B 395 15.57 -0.95 36.69
CA SER B 395 14.28 -1.37 37.32
C SER B 395 14.04 -0.54 38.59
N ASP B 396 15.11 -0.25 39.33
CA ASP B 396 15.06 0.53 40.59
C ASP B 396 14.52 1.93 40.28
N LEU B 397 14.93 2.52 39.15
CA LEU B 397 14.47 3.89 38.73
C LEU B 397 13.12 3.83 38.00
N THR B 398 12.76 2.67 37.45
CA THR B 398 11.52 2.48 36.63
C THR B 398 10.31 2.31 37.58
N PHE B 399 10.49 1.51 38.62
CA PHE B 399 9.40 1.07 39.54
C PHE B 399 9.64 1.60 40.95
N PRO B 400 8.57 1.79 41.75
CA PRO B 400 8.70 2.30 43.12
C PRO B 400 9.50 1.34 44.01
N GLY B 401 9.40 0.04 43.77
CA GLY B 401 10.23 -0.97 44.42
C GLY B 401 11.71 -0.72 44.15
N SER B 402 12.55 -1.53 44.79
CA SER B 402 14.02 -1.64 44.56
C SER B 402 14.27 -2.71 43.50
N GLY B 403 15.42 -2.64 42.83
CA GLY B 403 15.84 -3.66 41.86
C GLY B 403 15.60 -5.05 42.41
N GLU B 404 15.95 -5.27 43.69
CA GLU B 404 15.85 -6.57 44.40
C GLU B 404 14.38 -6.97 44.56
N GLU B 405 13.54 -6.03 45.01
CA GLU B 405 12.08 -6.24 45.23
C GLU B 405 11.40 -6.52 43.87
N VAL B 406 11.80 -5.80 42.80
CA VAL B 406 11.22 -5.97 41.43
C VAL B 406 11.60 -7.36 40.93
N GLU B 407 12.89 -7.70 41.00
CA GLU B 407 13.43 -9.00 40.53
C GLU B 407 12.71 -10.12 41.28
N GLU B 408 12.67 -10.04 42.61
CA GLU B 408 12.05 -11.07 43.48
C GLU B 408 10.59 -11.28 43.06
N LEU B 409 9.79 -10.21 42.99
CA LEU B 409 8.35 -10.29 42.64
C LEU B 409 8.17 -11.00 41.29
N LEU B 410 8.99 -10.63 40.29
CA LEU B 410 8.88 -11.17 38.91
C LEU B 410 9.24 -12.66 38.88
N GLU B 411 9.92 -13.18 39.91
CA GLU B 411 10.34 -14.61 39.99
CA GLU B 411 10.33 -14.61 39.98
C GLU B 411 9.25 -15.44 40.70
N ASN B 412 8.32 -14.79 41.41
CA ASN B 412 7.24 -15.50 42.18
C ASN B 412 6.43 -16.40 41.23
N GLN B 413 6.09 -15.93 40.02
CA GLN B 413 5.31 -16.73 39.04
C GLN B 413 6.28 -17.73 38.38
N LYS B 414 6.09 -19.03 38.66
CA LYS B 414 7.01 -20.11 38.22
C LYS B 414 6.62 -20.58 36.82
N GLU B 415 5.33 -20.46 36.50
CA GLU B 415 4.75 -20.85 35.20
C GLU B 415 5.09 -19.76 34.17
N SER B 416 4.83 -20.07 32.91
CA SER B 416 5.05 -19.20 31.73
C SER B 416 3.81 -19.27 30.84
N TYR B 417 3.39 -18.12 30.30
CA TYR B 417 2.38 -17.99 29.22
C TYR B 417 0.97 -18.18 29.77
N PHE B 418 0.66 -19.37 30.30
CA PHE B 418 -0.65 -19.71 30.91
C PHE B 418 -0.47 -20.15 32.36
N VAL B 419 -1.28 -19.60 33.26
CA VAL B 419 -1.19 -19.82 34.74
C VAL B 419 -2.58 -20.13 35.29
N ASP B 420 -2.63 -20.55 36.55
CA ASP B 420 -3.87 -20.68 37.35
C ASP B 420 -4.47 -19.28 37.56
N GLY B 421 -5.69 -19.06 37.08
CA GLY B 421 -6.40 -17.76 37.16
C GLY B 421 -7.38 -17.71 38.31
N GLN B 422 -7.49 -18.78 39.10
CA GLN B 422 -8.37 -18.83 40.30
C GLN B 422 -7.97 -17.71 41.24
N PRO B 423 -8.92 -16.89 41.74
CA PRO B 423 -8.59 -15.83 42.69
C PRO B 423 -8.06 -16.40 44.02
N ARG B 424 -7.55 -15.54 44.91
CA ARG B 424 -7.04 -15.95 46.25
C ARG B 424 -7.92 -15.34 47.34
N ASN C 46 -24.65 6.89 -13.58
CA ASN C 46 -25.51 5.77 -14.08
C ASN C 46 -24.60 4.61 -14.48
N ASN C 47 -23.71 4.82 -15.46
CA ASN C 47 -22.54 3.93 -15.77
C ASN C 47 -21.28 4.58 -15.23
N PRO C 48 -20.85 4.25 -14.00
CA PRO C 48 -19.68 4.91 -13.40
C PRO C 48 -18.34 4.40 -13.95
N TYR C 49 -18.37 3.39 -14.83
CA TYR C 49 -17.16 2.75 -15.41
C TYR C 49 -16.87 3.34 -16.80
N LEU C 50 -17.76 4.17 -17.34
CA LEU C 50 -17.65 4.69 -18.73
C LEU C 50 -17.10 6.13 -18.73
N PHE C 51 -16.02 6.37 -19.47
CA PHE C 51 -15.37 7.69 -19.62
C PHE C 51 -15.29 8.05 -21.10
N ARG C 52 -16.26 8.85 -21.57
CA ARG C 52 -16.33 9.38 -22.96
C ARG C 52 -15.16 10.34 -23.22
N SER C 53 -14.76 10.46 -24.49
CA SER C 53 -13.66 11.34 -24.97
CA SER C 53 -13.66 11.34 -24.96
C SER C 53 -13.84 12.75 -24.38
N ASN C 54 -15.06 13.14 -24.08
CA ASN C 54 -15.39 14.51 -23.61
C ASN C 54 -15.15 14.67 -22.10
N LYS C 55 -14.72 13.62 -21.39
CA LYS C 55 -14.39 13.72 -19.93
CA LYS C 55 -14.39 13.68 -19.94
C LYS C 55 -12.89 13.97 -19.76
N PHE C 56 -12.21 14.30 -20.85
CA PHE C 56 -10.79 14.72 -20.87
C PHE C 56 -10.70 16.24 -20.77
N LEU C 57 -9.80 16.75 -19.93
CA LEU C 57 -9.43 18.18 -19.86
C LEU C 57 -8.28 18.41 -20.84
N THR C 58 -8.34 19.49 -21.64
CA THR C 58 -7.21 19.89 -22.51
C THR C 58 -6.20 20.65 -21.66
N LEU C 59 -4.98 20.12 -21.50
CA LEU C 59 -3.87 20.76 -20.75
C LEU C 59 -3.20 21.79 -21.67
N PHE C 60 -3.06 21.44 -22.94
CA PHE C 60 -2.44 22.31 -23.96
C PHE C 60 -2.90 21.87 -25.35
N LYS C 61 -3.13 22.86 -26.21
CA LYS C 61 -3.47 22.63 -27.63
C LYS C 61 -3.06 23.86 -28.44
N ASN C 62 -2.42 23.62 -29.57
CA ASN C 62 -2.18 24.66 -30.60
C ASN C 62 -2.39 23.96 -31.93
N GLN C 63 -1.96 24.58 -33.03
CA GLN C 63 -2.21 24.03 -34.37
C GLN C 63 -1.31 22.82 -34.60
N HIS C 64 -0.29 22.59 -33.77
CA HIS C 64 0.72 21.51 -33.98
C HIS C 64 0.36 20.23 -33.21
N GLY C 65 -0.58 20.27 -32.25
CA GLY C 65 -0.97 19.08 -31.47
C GLY C 65 -1.62 19.42 -30.14
N SER C 66 -1.79 18.43 -29.25
CA SER C 66 -2.55 18.60 -27.99
C SER C 66 -2.14 17.58 -26.93
N LEU C 67 -2.27 17.98 -25.66
CA LEU C 67 -2.13 17.09 -24.49
C LEU C 67 -3.46 17.12 -23.74
N ARG C 68 -4.07 15.95 -23.54
CA ARG C 68 -5.36 15.84 -22.82
C ARG C 68 -5.20 14.89 -21.63
N LEU C 69 -5.90 15.20 -20.54
CA LEU C 69 -5.82 14.46 -19.26
C LEU C 69 -7.22 14.02 -18.84
N LEU C 70 -7.42 12.71 -18.67
CA LEU C 70 -8.72 12.13 -18.21
C LEU C 70 -8.97 12.55 -16.76
N GLN C 71 -10.23 12.85 -16.43
CA GLN C 71 -10.66 13.11 -15.03
C GLN C 71 -10.20 11.94 -14.16
N ARG C 72 -9.97 12.20 -12.89
CA ARG C 72 -9.71 11.14 -11.88
C ARG C 72 -10.77 10.03 -12.04
N PHE C 73 -10.33 8.78 -11.95
CA PHE C 73 -11.23 7.61 -12.01
C PHE C 73 -12.27 7.74 -10.90
N ASN C 74 -11.89 8.32 -9.76
CA ASN C 74 -12.75 8.38 -8.55
C ASN C 74 -13.36 9.78 -8.40
N GLU C 75 -13.43 10.57 -9.47
CA GLU C 75 -13.98 11.94 -9.43
C GLU C 75 -15.48 11.84 -9.09
N ASP C 76 -16.20 10.95 -9.76
CA ASP C 76 -17.69 10.93 -9.76
C ASP C 76 -18.23 9.66 -9.09
N THR C 77 -17.37 8.76 -8.58
CA THR C 77 -17.84 7.43 -8.07
C THR C 77 -16.88 6.93 -6.98
N GLU C 78 -17.43 6.27 -5.97
CA GLU C 78 -16.62 5.66 -4.87
C GLU C 78 -16.19 4.26 -5.27
N LYS C 79 -16.64 3.79 -6.44
CA LYS C 79 -16.48 2.38 -6.88
C LYS C 79 -15.09 2.13 -7.48
N LEU C 80 -14.33 3.19 -7.78
CA LEU C 80 -13.02 3.01 -8.45
C LEU C 80 -11.88 3.55 -7.56
N GLU C 81 -12.01 3.38 -6.26
CA GLU C 81 -10.94 3.75 -5.29
C GLU C 81 -9.62 3.05 -5.66
N ASN C 82 -9.68 1.84 -6.24
CA ASN C 82 -8.48 1.05 -6.61
C ASN C 82 -7.73 1.73 -7.77
N LEU C 83 -8.32 2.75 -8.42
CA LEU C 83 -7.66 3.44 -9.58
C LEU C 83 -7.24 4.87 -9.20
N ARG C 84 -7.32 5.26 -7.93
CA ARG C 84 -7.12 6.65 -7.46
C ARG C 84 -5.73 7.18 -7.86
N ASP C 85 -4.72 6.31 -7.91
CA ASP C 85 -3.30 6.68 -8.11
C ASP C 85 -2.97 6.79 -9.60
N TYR C 86 -3.90 6.45 -10.48
CA TYR C 86 -3.65 6.37 -11.94
C TYR C 86 -4.36 7.50 -12.67
N ARG C 87 -3.75 8.00 -13.74
CA ARG C 87 -4.38 8.95 -14.68
C ARG C 87 -4.01 8.54 -16.10
N VAL C 88 -4.88 8.85 -17.05
CA VAL C 88 -4.70 8.60 -18.51
C VAL C 88 -4.49 9.94 -19.19
N LEU C 89 -3.52 10.03 -20.09
CA LEU C 89 -3.31 11.22 -20.96
C LEU C 89 -3.24 10.77 -22.42
N GLU C 90 -3.68 11.63 -23.33
CA GLU C 90 -3.55 11.44 -24.80
C GLU C 90 -2.73 12.62 -25.31
N TYR C 91 -1.62 12.33 -25.99
CA TYR C 91 -0.80 13.33 -26.73
C TYR C 91 -0.98 13.04 -28.23
N CYS C 92 -1.37 14.08 -28.98
CA CYS C 92 -1.51 14.06 -30.46
CA CYS C 92 -1.51 14.05 -30.47
C CYS C 92 -0.66 15.18 -31.05
N SER C 93 0.19 14.87 -32.02
CA SER C 93 1.04 15.89 -32.71
C SER C 93 1.05 15.66 -34.23
N LYS C 94 1.06 16.78 -34.98
CA LYS C 94 1.12 16.80 -36.46
C LYS C 94 2.52 16.36 -36.88
N PRO C 95 2.72 16.10 -38.19
CA PRO C 95 4.06 15.82 -38.71
C PRO C 95 5.08 16.92 -38.36
N ASN C 96 6.35 16.51 -38.23
CA ASN C 96 7.51 17.41 -38.05
C ASN C 96 7.31 18.25 -36.78
N THR C 97 6.94 17.65 -35.65
CA THR C 97 6.69 18.38 -34.39
C THR C 97 7.57 17.85 -33.25
N LEU C 98 7.77 18.70 -32.24
CA LEU C 98 8.62 18.47 -31.06
C LEU C 98 7.82 18.90 -29.84
N LEU C 99 7.61 17.98 -28.90
CA LEU C 99 7.17 18.32 -27.52
C LEU C 99 8.42 18.67 -26.71
N LEU C 100 8.48 19.89 -26.19
CA LEU C 100 9.72 20.43 -25.59
C LEU C 100 10.07 19.67 -24.31
N PRO C 101 11.37 19.67 -23.95
CA PRO C 101 11.87 18.94 -22.78
C PRO C 101 11.16 19.32 -21.47
N HIS C 102 10.75 18.30 -20.73
CA HIS C 102 10.08 18.42 -19.42
C HIS C 102 10.26 17.11 -18.66
N HIS C 103 10.25 17.16 -17.32
CA HIS C 103 10.07 15.98 -16.46
C HIS C 103 8.66 15.96 -15.86
N SER C 104 8.17 14.77 -15.56
CA SER C 104 6.90 14.52 -14.84
C SER C 104 7.26 14.13 -13.39
N ASP C 105 6.40 14.46 -12.43
CA ASP C 105 6.53 13.97 -11.02
C ASP C 105 6.02 12.51 -10.94
N SER C 106 5.52 11.97 -12.06
CA SER C 106 4.91 10.62 -12.08
C SER C 106 5.67 9.68 -13.02
N ASP C 107 5.61 8.36 -12.74
CA ASP C 107 6.05 7.32 -13.69
C ASP C 107 5.07 7.33 -14.87
N LEU C 108 5.58 7.17 -16.08
CA LEU C 108 4.75 7.17 -17.31
C LEU C 108 4.96 5.87 -18.07
N LEU C 109 3.86 5.20 -18.41
CA LEU C 109 3.84 4.12 -19.43
C LEU C 109 3.33 4.77 -20.71
N VAL C 110 4.12 4.75 -21.77
CA VAL C 110 3.88 5.52 -23.03
C VAL C 110 3.68 4.49 -24.13
N LEU C 111 2.56 4.58 -24.84
CA LEU C 111 2.18 3.62 -25.91
C LEU C 111 1.79 4.40 -27.17
N VAL C 112 2.46 4.12 -28.29
CA VAL C 112 2.13 4.70 -29.62
C VAL C 112 0.89 3.98 -30.19
N LEU C 113 -0.25 4.70 -30.22
CA LEU C 113 -1.53 4.23 -30.79
C LEU C 113 -1.49 4.37 -32.31
N GLU C 114 -0.82 5.39 -32.85
CA GLU C 114 -0.78 5.66 -34.31
C GLU C 114 0.48 6.47 -34.65
N GLY C 115 1.13 6.09 -35.74
CA GLY C 115 2.29 6.80 -36.34
C GLY C 115 3.61 6.32 -35.74
N GLN C 116 4.60 7.21 -35.64
CA GLN C 116 5.96 6.88 -35.13
C GLN C 116 6.54 8.08 -34.38
N ALA C 117 7.43 7.81 -33.43
CA ALA C 117 8.00 8.83 -32.53
C ALA C 117 9.50 8.57 -32.35
N ILE C 118 10.25 9.64 -32.12
CA ILE C 118 11.59 9.56 -31.48
C ILE C 118 11.42 10.12 -30.07
N LEU C 119 11.80 9.32 -29.08
CA LEU C 119 11.75 9.64 -27.64
C LEU C 119 13.19 9.83 -27.16
N VAL C 120 13.51 10.96 -26.55
CA VAL C 120 14.85 11.16 -25.95
C VAL C 120 14.67 11.31 -24.43
N LEU C 121 15.33 10.45 -23.67
CA LEU C 121 15.41 10.54 -22.19
C LEU C 121 16.74 11.22 -21.81
N VAL C 122 16.67 12.31 -21.06
CA VAL C 122 17.87 13.03 -20.58
C VAL C 122 18.23 12.54 -19.18
N ASN C 123 19.46 12.05 -19.05
CA ASN C 123 20.04 11.61 -17.76
C ASN C 123 21.06 12.65 -17.34
N PRO C 124 21.46 12.68 -16.06
CA PRO C 124 22.45 13.65 -15.57
C PRO C 124 23.80 13.66 -16.33
N ASP C 125 24.14 12.56 -16.99
CA ASP C 125 25.47 12.30 -17.57
C ASP C 125 25.36 12.08 -19.09
N GLY C 126 24.19 12.26 -19.68
CA GLY C 126 23.97 11.98 -21.11
C GLY C 126 22.49 11.71 -21.42
N ARG C 127 22.23 11.02 -22.53
CA ARG C 127 20.84 10.85 -23.02
C ARG C 127 20.68 9.51 -23.75
N ASP C 128 19.45 9.00 -23.80
CA ASP C 128 19.10 7.78 -24.56
C ASP C 128 18.01 8.13 -25.56
N THR C 129 18.17 7.62 -26.78
CA THR C 129 17.29 7.92 -27.93
C THR C 129 16.59 6.62 -28.33
N TYR C 130 15.27 6.63 -28.42
CA TYR C 130 14.47 5.44 -28.81
C TYR C 130 13.56 5.79 -29.99
N LYS C 131 13.52 4.92 -30.98
CA LYS C 131 12.49 4.96 -32.04
C LYS C 131 11.27 4.17 -31.53
N LEU C 132 10.09 4.77 -31.55
CA LEU C 132 8.82 4.09 -31.19
C LEU C 132 7.92 3.99 -32.44
N ASP C 133 7.61 2.77 -32.85
CA ASP C 133 6.65 2.46 -33.95
C ASP C 133 5.28 2.13 -33.34
N GLN C 134 4.26 2.03 -34.19
CA GLN C 134 2.88 1.69 -33.77
C GLN C 134 2.93 0.42 -32.91
N GLY C 135 2.25 0.43 -31.76
CA GLY C 135 2.20 -0.70 -30.82
C GLY C 135 3.41 -0.79 -29.90
N ASP C 136 4.39 0.11 -30.02
CA ASP C 136 5.56 0.18 -29.09
C ASP C 136 5.17 0.90 -27.79
N ALA C 137 5.57 0.34 -26.65
CA ALA C 137 5.41 0.95 -25.31
C ALA C 137 6.77 1.04 -24.62
N ILE C 138 6.92 2.00 -23.71
CA ILE C 138 8.12 2.18 -22.85
C ILE C 138 7.70 2.86 -21.56
N LYS C 139 8.36 2.52 -20.46
CA LYS C 139 8.18 3.23 -19.17
C LYS C 139 9.19 4.40 -19.13
N ILE C 140 8.72 5.60 -18.82
CA ILE C 140 9.59 6.75 -18.49
C ILE C 140 9.54 6.95 -16.96
N GLN C 141 10.69 6.75 -16.31
CA GLN C 141 10.91 7.00 -14.86
C GLN C 141 10.54 8.44 -14.51
N ALA C 142 9.75 8.65 -13.45
CA ALA C 142 9.52 9.98 -12.81
C ALA C 142 10.85 10.74 -12.71
N GLY C 143 10.80 12.04 -12.99
CA GLY C 143 11.96 12.96 -12.84
C GLY C 143 12.94 12.90 -13.99
N THR C 144 12.69 12.09 -15.02
CA THR C 144 13.54 12.02 -16.23
C THR C 144 13.04 13.05 -17.23
N PRO C 145 13.80 14.12 -17.52
CA PRO C 145 13.42 15.05 -18.56
C PRO C 145 13.41 14.30 -19.88
N PHE C 146 12.40 14.55 -20.70
CA PHE C 146 12.33 13.94 -22.05
C PHE C 146 11.72 14.91 -23.05
N TYR C 147 11.94 14.61 -24.33
CA TYR C 147 11.30 15.29 -25.47
C TYR C 147 10.90 14.23 -26.50
N LEU C 148 9.82 14.53 -27.20
CA LEU C 148 9.09 13.64 -28.12
C LEU C 148 9.04 14.32 -29.49
N ILE C 149 9.54 13.64 -30.53
CA ILE C 149 9.50 14.14 -31.94
C ILE C 149 8.58 13.26 -32.76
N ASN C 150 7.72 13.87 -33.56
CA ASN C 150 7.04 13.17 -34.69
C ASN C 150 7.89 13.40 -35.93
N PRO C 151 8.74 12.42 -36.33
CA PRO C 151 9.63 12.59 -37.46
C PRO C 151 8.94 12.43 -38.83
N ASP C 152 7.76 11.83 -38.86
CA ASP C 152 7.02 11.56 -40.12
C ASP C 152 6.68 12.90 -40.79
N ASN C 153 6.58 12.92 -42.12
CA ASN C 153 6.22 14.13 -42.91
C ASN C 153 4.71 14.19 -43.17
N ASN C 154 3.98 13.08 -43.01
CA ASN C 154 2.57 12.96 -43.49
C ASN C 154 1.63 12.49 -42.38
N GLN C 155 2.06 11.56 -41.52
CA GLN C 155 1.13 10.90 -40.56
C GLN C 155 1.24 11.56 -39.19
N ASN C 156 0.10 11.79 -38.54
CA ASN C 156 0.02 12.30 -37.15
C ASN C 156 0.58 11.24 -36.19
N LEU C 157 0.97 11.66 -34.98
CA LEU C 157 1.44 10.77 -33.89
C LEU C 157 0.41 10.83 -32.77
N ARG C 158 -0.14 9.66 -32.39
CA ARG C 158 -1.10 9.54 -31.26
C ARG C 158 -0.48 8.62 -30.22
N ILE C 159 -0.35 9.12 -29.00
CA ILE C 159 0.31 8.41 -27.87
C ILE C 159 -0.67 8.35 -26.70
N LEU C 160 -0.80 7.17 -26.11
CA LEU C 160 -1.54 6.95 -24.85
C LEU C 160 -0.51 6.98 -23.71
N LYS C 161 -0.69 7.85 -22.71
CA LYS C 161 0.23 7.96 -21.54
C LYS C 161 -0.54 7.50 -20.30
N PHE C 162 -0.04 6.47 -19.62
CA PHE C 162 -0.58 5.98 -18.32
C PHE C 162 0.32 6.49 -17.19
N ALA C 163 -0.21 7.36 -16.35
CA ALA C 163 0.55 8.00 -15.25
C ALA C 163 0.33 7.21 -13.96
N ILE C 164 1.42 6.74 -13.35
CA ILE C 164 1.40 6.10 -12.01
C ILE C 164 1.97 7.13 -11.03
N THR C 165 1.11 7.74 -10.22
CA THR C 165 1.43 8.85 -9.31
C THR C 165 1.89 8.27 -7.96
N PHE C 166 2.80 8.97 -7.26
CA PHE C 166 3.31 8.58 -5.92
C PHE C 166 3.59 9.84 -5.08
N ARG C 167 3.95 10.96 -5.69
CA ARG C 167 4.29 12.17 -4.89
C ARG C 167 3.02 12.68 -4.23
N ARG C 168 2.05 13.01 -5.07
CA ARG C 168 0.68 13.41 -4.67
C ARG C 168 -0.27 12.48 -5.40
N PRO C 169 -0.72 11.39 -4.72
CA PRO C 169 -1.60 10.40 -5.34
C PRO C 169 -2.78 11.04 -6.09
N GLY C 170 -2.98 10.67 -7.36
CA GLY C 170 -4.07 11.20 -8.21
C GLY C 170 -3.67 12.46 -8.98
N THR C 171 -2.52 13.06 -8.68
CA THR C 171 -2.06 14.31 -9.33
C THR C 171 -0.86 14.01 -10.23
N VAL C 172 -0.87 14.51 -11.45
CA VAL C 172 0.31 14.42 -12.34
C VAL C 172 0.72 15.85 -12.72
N GLU C 173 2.01 16.19 -12.60
CA GLU C 173 2.56 17.55 -12.89
C GLU C 173 3.67 17.43 -13.92
N ASP C 174 3.78 18.43 -14.79
CA ASP C 174 4.87 18.52 -15.81
C ASP C 174 5.70 19.78 -15.50
N PHE C 175 7.03 19.64 -15.52
CA PHE C 175 7.98 20.74 -15.30
C PHE C 175 8.64 21.04 -16.65
N PHE C 176 8.22 22.09 -17.34
CA PHE C 176 8.81 22.51 -18.65
C PHE C 176 9.94 23.52 -18.40
N LEU C 177 11.10 23.21 -18.97
CA LEU C 177 12.32 24.05 -19.00
C LEU C 177 12.04 25.34 -19.79
N SER C 178 11.17 25.30 -20.79
CA SER C 178 10.89 26.41 -21.75
C SER C 178 9.85 27.35 -21.15
N SER C 179 10.05 28.67 -21.27
CA SER C 179 9.01 29.71 -21.02
C SER C 179 8.05 29.78 -22.21
N THR C 180 6.74 29.73 -21.93
CA THR C 180 5.67 29.83 -22.96
C THR C 180 4.53 30.69 -22.37
N LYS C 181 3.51 30.98 -23.17
CA LYS C 181 2.34 31.81 -22.77
C LYS C 181 1.77 31.26 -21.46
N ARG C 182 1.57 29.96 -21.38
CA ARG C 182 0.81 29.34 -20.25
C ARG C 182 1.67 29.35 -18.98
N LEU C 183 3.01 29.42 -19.09
CA LEU C 183 3.88 29.36 -17.88
C LEU C 183 5.34 29.72 -18.21
N PRO C 184 5.98 30.58 -17.40
CA PRO C 184 7.42 30.80 -17.51
C PRO C 184 8.19 29.53 -17.11
N SER C 185 9.45 29.43 -17.55
CA SER C 185 10.40 28.37 -17.13
C SER C 185 10.46 28.31 -15.60
N TYR C 186 10.52 27.11 -15.04
CA TYR C 186 10.62 26.91 -13.57
C TYR C 186 11.95 27.52 -13.07
N LEU C 187 12.96 27.63 -13.94
CA LEU C 187 14.29 28.22 -13.57
C LEU C 187 14.09 29.69 -13.19
N SER C 188 13.09 30.33 -13.79
CA SER C 188 12.82 31.78 -13.63
C SER C 188 12.34 32.08 -12.22
N ALA C 189 11.83 31.08 -11.50
CA ALA C 189 11.18 31.23 -10.19
C ALA C 189 12.26 31.39 -9.10
N PHE C 190 13.50 31.03 -9.37
CA PHE C 190 14.62 31.25 -8.41
C PHE C 190 14.98 32.73 -8.40
N SER C 191 15.49 33.24 -7.27
CA SER C 191 15.89 34.66 -7.11
C SER C 191 17.06 34.98 -8.03
N LYS C 192 17.24 36.26 -8.36
CA LYS C 192 18.36 36.75 -9.21
C LYS C 192 19.70 36.24 -8.64
N ASN C 193 19.93 36.46 -7.35
CA ASN C 193 21.23 36.12 -6.69
C ASN C 193 21.49 34.62 -6.82
N PHE C 194 20.47 33.78 -6.61
CA PHE C 194 20.60 32.30 -6.71
C PHE C 194 20.98 31.95 -8.15
N LEU C 195 20.31 32.52 -9.14
CA LEU C 195 20.60 32.23 -10.58
C LEU C 195 22.01 32.70 -10.94
N GLU C 196 22.40 33.92 -10.56
CA GLU C 196 23.73 34.51 -10.92
C GLU C 196 24.86 33.63 -10.37
N ALA C 197 24.81 33.28 -9.09
CA ALA C 197 25.80 32.42 -8.41
C ALA C 197 25.82 31.01 -9.03
N SER C 198 24.64 30.45 -9.32
CA SER C 198 24.50 29.06 -9.84
C SER C 198 25.16 28.99 -11.21
N TYR C 199 24.80 29.88 -12.13
CA TYR C 199 25.33 29.84 -13.53
C TYR C 199 26.60 30.68 -13.67
N ASP C 200 27.05 31.34 -12.59
CA ASP C 200 28.28 32.19 -12.57
C ASP C 200 28.25 33.12 -13.79
N SER C 201 27.15 33.82 -13.97
CA SER C 201 26.80 34.66 -15.14
C SER C 201 25.90 35.79 -14.69
N PRO C 202 25.94 36.96 -15.36
CA PRO C 202 25.05 38.07 -15.01
C PRO C 202 23.63 37.68 -15.37
N TYR C 203 22.66 38.15 -14.60
CA TYR C 203 21.24 37.78 -14.78
C TYR C 203 20.82 38.07 -16.24
N ASP C 204 21.34 39.15 -16.81
CA ASP C 204 21.02 39.60 -18.19
C ASP C 204 21.30 38.47 -19.20
N GLU C 205 22.47 37.84 -19.13
CA GLU C 205 22.82 36.68 -20.02
C GLU C 205 21.92 35.48 -19.68
N ILE C 206 21.73 35.15 -18.40
CA ILE C 206 20.84 34.03 -17.98
C ILE C 206 19.45 34.26 -18.59
N GLU C 207 18.90 35.47 -18.42
CA GLU C 207 17.52 35.84 -18.82
C GLU C 207 17.36 35.79 -20.35
N GLN C 208 18.30 36.37 -21.09
CA GLN C 208 18.30 36.39 -22.57
C GLN C 208 18.48 34.97 -23.13
N THR C 209 19.25 34.14 -22.45
CA THR C 209 19.74 32.85 -23.01
C THR C 209 18.81 31.69 -22.61
N LEU C 210 18.25 31.70 -21.39
CA LEU C 210 17.47 30.57 -20.84
C LEU C 210 16.00 30.95 -20.56
N LEU C 211 15.70 32.19 -20.15
CA LEU C 211 14.44 32.49 -19.41
C LEU C 211 13.38 33.18 -20.27
N GLN C 212 13.75 34.02 -21.22
CA GLN C 212 12.79 34.81 -22.04
C GLN C 212 11.82 33.88 -22.76
N GLU C 213 10.53 34.22 -22.79
CA GLU C 213 9.49 33.49 -23.56
C GLU C 213 9.84 33.61 -25.05
N GLU C 214 10.37 32.54 -25.65
CA GLU C 214 10.66 32.48 -27.11
C GLU C 214 9.50 31.81 -27.84
N GLN C 215 9.21 30.53 -27.51
CA GLN C 215 8.15 29.71 -28.15
C GLN C 215 6.79 30.08 -27.53
N GLU C 216 5.73 30.01 -28.34
CA GLU C 216 4.34 30.33 -27.94
C GLU C 216 3.78 29.21 -27.05
N GLY C 217 4.18 27.97 -27.35
CA GLY C 217 3.69 26.75 -26.67
C GLY C 217 4.75 25.66 -26.61
N VAL C 218 4.42 24.55 -25.95
CA VAL C 218 5.38 23.45 -25.62
C VAL C 218 5.43 22.45 -26.78
N ILE C 219 4.57 22.60 -27.78
CA ILE C 219 4.63 21.82 -29.05
C ILE C 219 4.99 22.77 -30.20
N VAL C 220 6.14 22.54 -30.84
CA VAL C 220 6.68 23.46 -31.88
C VAL C 220 6.96 22.66 -33.17
N LYS C 221 7.02 23.35 -34.31
CA LYS C 221 7.44 22.78 -35.62
C LYS C 221 8.94 22.51 -35.57
N MET C 222 9.40 21.44 -36.25
CA MET C 222 10.83 21.08 -36.42
C MET C 222 11.28 21.50 -37.82
N PRO C 223 12.41 22.22 -37.96
CA PRO C 223 13.03 22.44 -39.27
C PRO C 223 13.41 21.08 -39.90
N LYS C 224 14.42 20.43 -39.33
CA LYS C 224 14.97 19.12 -39.77
C LYS C 224 14.86 18.11 -38.61
N ASP C 225 14.32 16.91 -38.87
CA ASP C 225 14.02 15.87 -37.84
C ASP C 225 15.24 14.98 -37.59
N GLN C 226 16.27 15.04 -38.46
CA GLN C 226 17.52 14.24 -38.29
C GLN C 226 18.53 15.07 -37.49
N ILE C 227 18.43 16.41 -37.54
CA ILE C 227 19.21 17.37 -36.70
C ILE C 227 18.20 18.24 -35.92
N ASP C 246 14.49 -0.17 -20.75
CA ASP C 246 15.11 -1.44 -21.18
C ASP C 246 14.73 -1.66 -22.65
N LYS C 247 14.62 -0.55 -23.39
CA LYS C 247 14.16 -0.49 -24.80
C LYS C 247 12.65 -0.62 -24.86
N PRO C 248 12.02 -0.01 -25.86
CA PRO C 248 10.59 -0.20 -26.08
C PRO C 248 10.27 -1.67 -26.37
N PHE C 249 9.03 -2.07 -26.11
CA PHE C 249 8.49 -3.40 -26.47
C PHE C 249 7.16 -3.21 -27.18
N ASN C 250 6.93 -4.04 -28.19
CA ASN C 250 5.71 -3.99 -29.02
C ASN C 250 4.64 -4.90 -28.40
N LEU C 251 3.40 -4.43 -28.38
CA LEU C 251 2.23 -5.17 -27.83
C LEU C 251 2.09 -6.49 -28.57
N ARG C 252 2.59 -6.57 -29.80
CA ARG C 252 2.39 -7.75 -30.70
C ARG C 252 3.70 -8.52 -30.92
N SER C 253 4.66 -8.43 -30.00
CA SER C 253 6.00 -9.08 -30.12
C SER C 253 5.90 -10.61 -29.96
N ARG C 254 4.81 -11.13 -29.40
CA ARG C 254 4.64 -12.60 -29.21
C ARG C 254 3.44 -13.10 -30.01
N ASP C 255 3.20 -14.41 -30.01
CA ASP C 255 1.96 -14.99 -30.57
C ASP C 255 0.78 -14.39 -29.80
N PRO C 256 -0.33 -14.05 -30.49
CA PRO C 256 -1.57 -13.66 -29.79
C PRO C 256 -2.00 -14.85 -28.92
N ILE C 257 -2.56 -14.60 -27.74
CA ILE C 257 -2.93 -15.69 -26.79
C ILE C 257 -4.28 -16.29 -27.19
N TYR C 258 -5.13 -15.49 -27.84
CA TYR C 258 -6.36 -15.95 -28.54
C TYR C 258 -6.30 -15.45 -29.98
N SER C 259 -6.50 -16.36 -30.93
CA SER C 259 -6.53 -16.03 -32.38
C SER C 259 -7.42 -17.04 -33.12
N ASN C 260 -8.49 -16.56 -33.77
CA ASN C 260 -9.31 -17.34 -34.72
C ASN C 260 -9.75 -16.42 -35.87
N ASN C 261 -10.76 -16.79 -36.65
CA ASN C 261 -11.15 -16.02 -37.87
C ASN C 261 -11.89 -14.73 -37.51
N TYR C 262 -12.32 -14.58 -36.26
CA TYR C 262 -13.18 -13.45 -35.83
C TYR C 262 -12.36 -12.37 -35.07
N GLY C 263 -11.30 -12.76 -34.36
CA GLY C 263 -10.53 -11.83 -33.51
C GLY C 263 -9.18 -12.38 -33.10
N LYS C 264 -8.30 -11.48 -32.62
CA LYS C 264 -7.02 -11.77 -31.94
C LYS C 264 -6.92 -10.95 -30.65
N LEU C 265 -6.38 -11.51 -29.58
CA LEU C 265 -5.89 -10.74 -28.41
C LEU C 265 -4.40 -11.06 -28.19
N TYR C 266 -3.56 -10.02 -28.21
CA TYR C 266 -2.15 -10.08 -27.74
C TYR C 266 -2.13 -9.56 -26.30
N GLU C 267 -1.25 -10.11 -25.47
CA GLU C 267 -1.13 -9.70 -24.05
C GLU C 267 0.32 -9.83 -23.61
N ILE C 268 0.82 -8.76 -22.99
CA ILE C 268 2.14 -8.71 -22.31
C ILE C 268 1.84 -8.58 -20.81
N THR C 269 2.39 -9.46 -19.99
CA THR C 269 2.10 -9.56 -18.55
C THR C 269 3.33 -9.13 -17.77
N PRO C 270 3.18 -8.77 -16.47
CA PRO C 270 4.33 -8.47 -15.63
C PRO C 270 5.31 -9.65 -15.49
N GLU C 271 4.79 -10.87 -15.57
CA GLU C 271 5.61 -12.11 -15.48
C GLU C 271 6.60 -12.18 -16.65
N LYS C 272 6.32 -11.52 -17.78
CA LYS C 272 7.09 -11.65 -19.04
C LYS C 272 7.82 -10.35 -19.39
N ASN C 273 7.69 -9.28 -18.59
CA ASN C 273 8.26 -7.95 -18.95
C ASN C 273 8.68 -7.21 -17.68
N SER C 274 9.97 -6.94 -17.53
CA SER C 274 10.59 -6.30 -16.33
C SER C 274 10.01 -4.90 -16.11
N GLN C 275 9.75 -4.13 -17.18
CA GLN C 275 9.21 -2.74 -17.07
C GLN C 275 7.79 -2.82 -16.48
N LEU C 276 6.97 -3.74 -16.95
CA LEU C 276 5.58 -3.94 -16.48
C LEU C 276 5.57 -4.54 -15.07
N ARG C 277 6.58 -5.35 -14.71
CA ARG C 277 6.64 -6.07 -13.41
C ARG C 277 6.67 -5.06 -12.25
N ASP C 278 7.50 -4.02 -12.35
CA ASP C 278 7.65 -3.02 -11.25
CA ASP C 278 7.65 -3.04 -11.24
C ASP C 278 6.37 -2.19 -11.11
N LEU C 279 5.56 -2.08 -12.17
CA LEU C 279 4.29 -1.30 -12.15
C LEU C 279 3.10 -2.22 -11.80
N ASP C 280 3.30 -3.54 -11.88
CA ASP C 280 2.25 -4.59 -11.70
C ASP C 280 1.13 -4.37 -12.73
N ILE C 281 1.49 -4.24 -14.00
CA ILE C 281 0.53 -3.88 -15.09
C ILE C 281 0.68 -4.87 -16.22
N LEU C 282 -0.43 -5.26 -16.85
CA LEU C 282 -0.43 -5.99 -18.14
C LEU C 282 -0.99 -5.06 -19.22
N LEU C 283 -0.53 -5.22 -20.46
CA LEU C 283 -1.08 -4.50 -21.63
C LEU C 283 -1.62 -5.52 -22.61
N ASN C 284 -2.81 -5.30 -23.15
CA ASN C 284 -3.32 -6.21 -24.21
C ASN C 284 -3.76 -5.38 -25.39
N OCS C 285 -3.88 -6.05 -26.53
CA OCS C 285 -4.21 -5.41 -27.79
CB OCS C 285 -2.96 -5.16 -28.61
SG OCS C 285 -3.20 -4.27 -30.13
C OCS C 285 -5.23 -6.28 -28.52
O OCS C 285 -4.93 -7.44 -28.86
OD1 OCS C 285 -1.71 -3.96 -30.53
OD2 OCS C 285 -3.85 -5.18 -31.04
OD3 OCS C 285 -3.83 -3.02 -29.81
N LEU C 286 -6.44 -5.73 -28.70
CA LEU C 286 -7.58 -6.46 -29.26
C LEU C 286 -7.83 -6.04 -30.71
N GLN C 287 -7.95 -7.02 -31.62
CA GLN C 287 -8.34 -6.80 -33.04
C GLN C 287 -9.51 -7.72 -33.36
N MET C 288 -10.63 -7.16 -33.80
CA MET C 288 -11.85 -7.95 -34.13
C MET C 288 -12.43 -7.48 -35.47
N ASN C 289 -13.01 -8.41 -36.23
CA ASN C 289 -13.76 -8.12 -37.48
C ASN C 289 -15.19 -7.72 -37.11
N GLU C 290 -15.77 -6.80 -37.88
CA GLU C 290 -17.21 -6.41 -37.77
C GLU C 290 -18.04 -7.67 -37.55
N GLY C 291 -18.94 -7.65 -36.56
CA GLY C 291 -19.84 -8.78 -36.29
C GLY C 291 -19.26 -9.81 -35.32
N ALA C 292 -17.95 -9.83 -35.11
CA ALA C 292 -17.30 -10.75 -34.13
C ALA C 292 -17.77 -10.39 -32.72
N LEU C 293 -17.80 -11.38 -31.81
CA LEU C 293 -18.19 -11.19 -30.39
C LEU C 293 -17.12 -11.82 -29.49
N PHE C 294 -16.55 -11.02 -28.58
CA PHE C 294 -15.65 -11.50 -27.50
C PHE C 294 -16.57 -12.00 -26.38
N VAL C 295 -16.64 -13.31 -26.18
CA VAL C 295 -17.72 -13.96 -25.38
C VAL C 295 -17.57 -13.62 -23.89
N PRO C 296 -18.66 -13.69 -23.12
CA PRO C 296 -18.59 -13.45 -21.68
C PRO C 296 -17.40 -14.15 -21.02
N HIS C 297 -16.60 -13.36 -20.31
CA HIS C 297 -15.44 -13.85 -19.50
C HIS C 297 -15.20 -12.85 -18.36
N TYR C 298 -14.30 -13.17 -17.44
CA TYR C 298 -13.91 -12.22 -16.38
C TYR C 298 -12.44 -12.45 -16.06
N ASN C 299 -11.81 -11.41 -15.51
CA ASN C 299 -10.40 -11.40 -15.03
C ASN C 299 -10.41 -11.63 -13.51
N SER C 300 -9.60 -12.55 -13.02
CA SER C 300 -9.57 -12.91 -11.58
C SER C 300 -9.03 -11.75 -10.73
N ARG C 301 -8.03 -11.00 -11.22
CA ARG C 301 -7.27 -10.01 -10.41
C ARG C 301 -7.15 -8.64 -11.08
N ALA C 302 -6.92 -8.60 -12.38
CA ALA C 302 -6.66 -7.34 -13.13
C ALA C 302 -7.96 -6.56 -13.30
N THR C 303 -7.97 -5.27 -12.95
CA THR C 303 -8.97 -4.30 -13.42
C THR C 303 -8.47 -3.72 -14.74
N VAL C 304 -9.22 -3.88 -15.83
CA VAL C 304 -8.74 -3.48 -17.19
C VAL C 304 -9.38 -2.13 -17.58
N ILE C 305 -8.52 -1.15 -17.88
CA ILE C 305 -8.91 0.16 -18.48
C ILE C 305 -8.85 -0.02 -20.00
N LEU C 306 -10.02 -0.09 -20.63
CA LEU C 306 -10.12 -0.49 -22.06
C LEU C 306 -10.28 0.78 -22.88
N VAL C 307 -9.33 1.02 -23.78
CA VAL C 307 -9.30 2.25 -24.61
C VAL C 307 -9.64 1.89 -26.06
N ALA C 308 -10.74 2.44 -26.57
CA ALA C 308 -11.16 2.28 -27.98
C ALA C 308 -10.18 3.05 -28.87
N ASN C 309 -9.49 2.36 -29.76
CA ASN C 309 -8.50 2.99 -30.67
C ASN C 309 -9.17 3.19 -32.03
N GLU C 310 -9.58 2.11 -32.72
CA GLU C 310 -10.26 2.19 -34.05
C GLU C 310 -11.59 1.42 -34.02
N GLY C 311 -12.62 2.04 -34.60
CA GLY C 311 -13.95 1.45 -34.83
C GLY C 311 -14.82 1.56 -33.59
N ARG C 312 -15.97 0.90 -33.61
CA ARG C 312 -17.02 1.01 -32.57
C ARG C 312 -17.25 -0.36 -31.94
N ALA C 313 -17.24 -0.38 -30.62
CA ALA C 313 -17.35 -1.59 -29.78
C ALA C 313 -18.65 -1.49 -28.98
N GLU C 314 -19.45 -2.57 -28.96
CA GLU C 314 -20.63 -2.72 -28.08
C GLU C 314 -20.22 -3.55 -26.88
N VAL C 315 -20.07 -2.91 -25.73
CA VAL C 315 -19.61 -3.57 -24.48
C VAL C 315 -20.81 -3.85 -23.60
N GLU C 316 -20.87 -5.06 -23.04
CA GLU C 316 -21.81 -5.40 -21.94
C GLU C 316 -20.98 -5.84 -20.74
N LEU C 317 -21.12 -5.11 -19.63
CA LEU C 317 -20.35 -5.33 -18.40
C LEU C 317 -21.36 -5.65 -17.31
N VAL C 318 -21.14 -6.71 -16.56
CA VAL C 318 -22.12 -7.13 -15.51
C VAL C 318 -21.46 -6.94 -14.15
N GLY C 319 -22.07 -6.13 -13.28
CA GLY C 319 -21.54 -5.83 -11.94
C GLY C 319 -22.45 -6.33 -10.83
N LEU C 320 -22.09 -6.09 -9.57
CA LEU C 320 -22.89 -6.50 -8.39
C LEU C 320 -23.17 -5.33 -7.44
N GLU C 321 -22.92 -4.09 -7.85
CA GLU C 321 -23.37 -2.87 -7.11
C GLU C 321 -23.37 -1.67 -8.06
N SER C 330 -30.53 -5.78 -1.45
CA SER C 330 -29.16 -6.28 -1.17
C SER C 330 -28.15 -5.50 -2.02
N MET C 331 -27.19 -6.20 -2.63
CA MET C 331 -26.14 -5.58 -3.50
C MET C 331 -26.74 -5.32 -4.90
N GLN C 332 -27.41 -6.31 -5.49
CA GLN C 332 -28.23 -6.21 -6.73
C GLN C 332 -27.38 -6.27 -8.01
N LEU C 333 -28.01 -6.76 -9.08
CA LEU C 333 -27.38 -7.14 -10.37
C LEU C 333 -27.58 -6.02 -11.38
N ARG C 334 -26.52 -5.61 -12.08
CA ARG C 334 -26.53 -4.40 -12.95
C ARG C 334 -25.95 -4.78 -14.32
N ARG C 335 -26.63 -4.42 -15.40
CA ARG C 335 -26.00 -4.36 -16.74
C ARG C 335 -25.51 -2.93 -16.97
N TYR C 336 -24.24 -2.80 -17.35
CA TYR C 336 -23.65 -1.58 -17.93
C TYR C 336 -23.34 -1.86 -19.40
N ALA C 337 -24.18 -1.35 -20.30
CA ALA C 337 -24.01 -1.50 -21.76
C ALA C 337 -23.64 -0.15 -22.35
N ALA C 338 -22.60 -0.09 -23.15
CA ALA C 338 -22.24 1.14 -23.88
C ALA C 338 -21.71 0.75 -25.26
N THR C 339 -21.93 1.60 -26.26
CA THR C 339 -21.17 1.56 -27.53
C THR C 339 -20.03 2.57 -27.39
N LEU C 340 -18.79 2.12 -27.61
CA LEU C 340 -17.57 2.93 -27.50
C LEU C 340 -17.08 3.30 -28.90
N SER C 341 -16.96 4.60 -29.18
CA SER C 341 -16.24 5.20 -30.34
C SER C 341 -14.82 5.54 -29.93
N GLU C 342 -14.00 5.88 -30.92
CA GLU C 342 -12.55 6.14 -30.76
C GLU C 342 -12.35 7.14 -29.64
N GLY C 343 -11.40 6.89 -28.75
CA GLY C 343 -11.12 7.75 -27.58
C GLY C 343 -11.83 7.30 -26.32
N ASP C 344 -13.04 6.74 -26.45
CA ASP C 344 -13.90 6.32 -25.31
C ASP C 344 -13.16 5.26 -24.49
N ILE C 345 -13.35 5.28 -23.18
CA ILE C 345 -12.72 4.36 -22.20
C ILE C 345 -13.83 3.70 -21.38
N ILE C 346 -13.72 2.41 -21.13
CA ILE C 346 -14.57 1.75 -20.09
C ILE C 346 -13.66 0.96 -19.15
N VAL C 347 -13.94 1.04 -17.86
CA VAL C 347 -13.20 0.28 -16.81
C VAL C 347 -13.96 -1.05 -16.59
N ILE C 348 -13.23 -2.17 -16.67
CA ILE C 348 -13.73 -3.55 -16.42
C ILE C 348 -13.14 -4.03 -15.10
N PRO C 349 -13.84 -3.85 -13.95
CA PRO C 349 -13.30 -4.31 -12.67
C PRO C 349 -13.12 -5.83 -12.66
N SER C 350 -12.11 -6.32 -11.95
CA SER C 350 -11.83 -7.78 -11.82
C SER C 350 -13.11 -8.46 -11.28
N SER C 351 -13.34 -9.71 -11.69
CA SER C 351 -14.46 -10.59 -11.28
C SER C 351 -15.77 -10.25 -12.03
N PHE C 352 -15.89 -9.06 -12.64
CA PHE C 352 -17.09 -8.63 -13.38
C PHE C 352 -17.11 -9.27 -14.76
N PRO C 353 -18.14 -10.09 -15.08
CA PRO C 353 -18.24 -10.65 -16.41
C PRO C 353 -18.36 -9.54 -17.46
N VAL C 354 -17.70 -9.72 -18.61
CA VAL C 354 -17.73 -8.72 -19.70
C VAL C 354 -17.77 -9.43 -21.05
N ALA C 355 -18.36 -8.76 -22.03
CA ALA C 355 -18.43 -9.23 -23.43
C ALA C 355 -18.43 -7.99 -24.32
N LEU C 356 -17.98 -8.18 -25.56
CA LEU C 356 -17.74 -7.06 -26.49
C LEU C 356 -18.03 -7.51 -27.93
N LYS C 357 -18.91 -6.78 -28.61
CA LYS C 357 -19.27 -7.06 -30.02
C LYS C 357 -18.69 -5.93 -30.89
N ALA C 358 -18.00 -6.29 -31.96
CA ALA C 358 -17.46 -5.35 -32.97
C ALA C 358 -18.58 -4.91 -33.91
N ALA C 359 -19.04 -3.66 -33.78
CA ALA C 359 -20.04 -3.05 -34.68
C ALA C 359 -19.38 -2.72 -36.03
N SER C 360 -18.08 -2.40 -35.99
CA SER C 360 -17.21 -2.24 -37.18
C SER C 360 -15.91 -3.01 -36.89
N ASP C 361 -15.00 -3.11 -37.86
CA ASP C 361 -13.63 -3.62 -37.59
C ASP C 361 -13.12 -2.76 -36.42
N LEU C 362 -12.41 -3.36 -35.50
CA LEU C 362 -12.16 -2.73 -34.18
C LEU C 362 -10.74 -3.06 -33.71
N ASN C 363 -10.04 -2.05 -33.21
CA ASN C 363 -8.76 -2.19 -32.46
C ASN C 363 -8.94 -1.51 -31.10
N MET C 364 -8.48 -2.15 -30.03
CA MET C 364 -8.60 -1.62 -28.66
C MET C 364 -7.34 -1.97 -27.89
N VAL C 365 -7.02 -1.17 -26.89
CA VAL C 365 -5.85 -1.37 -26.00
C VAL C 365 -6.40 -1.51 -24.58
N GLY C 366 -5.92 -2.50 -23.84
CA GLY C 366 -6.29 -2.70 -22.43
C GLY C 366 -5.10 -2.43 -21.54
N ILE C 367 -5.27 -1.59 -20.53
CA ILE C 367 -4.29 -1.44 -19.43
C ILE C 367 -4.84 -2.13 -18.17
N GLY C 368 -4.24 -3.25 -17.78
CA GLY C 368 -4.64 -4.01 -16.58
C GLY C 368 -3.77 -3.70 -15.39
N VAL C 369 -4.36 -3.14 -14.34
CA VAL C 369 -3.66 -2.88 -13.05
C VAL C 369 -3.96 -4.05 -12.12
N ASN C 370 -3.08 -4.27 -11.13
CA ASN C 370 -3.16 -5.39 -10.19
C ASN C 370 -3.04 -6.68 -11.01
N ALA C 371 -2.09 -6.71 -11.96
CA ALA C 371 -2.06 -7.66 -13.08
C ALA C 371 -1.45 -9.00 -12.65
N GLU C 372 -0.63 -9.02 -11.59
CA GLU C 372 0.17 -10.22 -11.26
C GLU C 372 -0.79 -11.40 -11.03
N ASN C 373 -0.52 -12.52 -11.72
CA ASN C 373 -1.25 -13.80 -11.57
CA ASN C 373 -1.25 -13.81 -11.60
C ASN C 373 -2.71 -13.63 -12.05
N ASN C 374 -2.95 -12.69 -12.96
CA ASN C 374 -4.30 -12.56 -13.55
C ASN C 374 -4.60 -13.86 -14.29
N GLU C 375 -5.83 -14.34 -14.21
CA GLU C 375 -6.31 -15.48 -15.04
C GLU C 375 -7.67 -15.11 -15.61
N ARG C 376 -7.79 -15.23 -16.94
CA ARG C 376 -9.05 -14.99 -17.67
C ARG C 376 -9.91 -16.27 -17.63
N ASN C 377 -11.13 -16.17 -17.14
CA ASN C 377 -12.11 -17.28 -17.10
C ASN C 377 -13.18 -17.05 -18.15
N PHE C 378 -13.34 -17.96 -19.11
CA PHE C 378 -14.42 -17.89 -20.14
C PHE C 378 -15.70 -18.57 -19.62
N LEU C 379 -16.87 -18.02 -19.99
CA LEU C 379 -18.20 -18.50 -19.55
C LEU C 379 -18.98 -19.08 -20.74
N ALA C 380 -18.38 -19.07 -21.92
CA ALA C 380 -18.95 -19.64 -23.17
C ALA C 380 -17.81 -20.12 -24.07
N GLY C 381 -18.14 -20.95 -25.04
CA GLY C 381 -17.18 -21.50 -26.00
C GLY C 381 -16.53 -22.74 -25.43
N HIS C 382 -15.68 -23.38 -26.23
CA HIS C 382 -15.09 -24.70 -25.94
C HIS C 382 -13.96 -24.56 -24.90
N LYS C 383 -12.98 -23.70 -25.19
CA LYS C 383 -11.67 -23.67 -24.47
C LYS C 383 -11.74 -22.67 -23.31
N GLU C 384 -11.20 -23.07 -22.15
CA GLU C 384 -11.03 -22.26 -20.93
C GLU C 384 -12.39 -21.78 -20.40
N ASN C 385 -13.44 -22.58 -20.65
CA ASN C 385 -14.83 -22.33 -20.19
C ASN C 385 -15.01 -22.96 -18.80
N VAL C 386 -15.00 -22.16 -17.72
CA VAL C 386 -15.01 -22.69 -16.34
C VAL C 386 -16.29 -23.47 -16.10
N ILE C 387 -17.42 -23.04 -16.69
CA ILE C 387 -18.73 -23.71 -16.46
C ILE C 387 -18.63 -25.18 -16.92
N ARG C 388 -17.94 -25.46 -18.02
CA ARG C 388 -17.83 -26.83 -18.59
C ARG C 388 -17.02 -27.71 -17.66
N GLN C 389 -16.37 -27.15 -16.63
CA GLN C 389 -15.45 -27.89 -15.74
C GLN C 389 -16.17 -28.29 -14.47
N ILE C 390 -17.43 -27.86 -14.34
CA ILE C 390 -18.32 -28.29 -13.23
C ILE C 390 -18.90 -29.67 -13.59
N PRO C 391 -18.70 -30.72 -12.75
CA PRO C 391 -19.19 -32.07 -13.06
C PRO C 391 -20.72 -32.12 -13.16
N ARG C 392 -21.22 -33.07 -13.96
CA ARG C 392 -22.66 -33.25 -14.28
CA ARG C 392 -22.66 -33.24 -14.29
C ARG C 392 -23.51 -33.19 -13.00
N GLN C 393 -23.12 -33.97 -12.00
CA GLN C 393 -23.89 -34.08 -10.73
CA GLN C 393 -23.89 -34.08 -10.73
C GLN C 393 -24.18 -32.66 -10.20
N VAL C 394 -23.15 -31.80 -10.19
CA VAL C 394 -23.24 -30.45 -9.55
C VAL C 394 -23.93 -29.48 -10.52
N SER C 395 -23.64 -29.53 -11.82
CA SER C 395 -24.32 -28.72 -12.86
C SER C 395 -25.83 -28.92 -12.76
N ASP C 396 -26.24 -30.16 -12.49
CA ASP C 396 -27.67 -30.53 -12.41
C ASP C 396 -28.30 -29.77 -11.24
N LEU C 397 -27.57 -29.60 -10.13
CA LEU C 397 -28.04 -28.89 -8.91
C LEU C 397 -27.87 -27.37 -9.06
N THR C 398 -26.94 -26.92 -9.91
CA THR C 398 -26.58 -25.49 -10.08
C THR C 398 -27.62 -24.79 -10.96
N PHE C 399 -28.04 -25.45 -12.04
CA PHE C 399 -28.92 -24.87 -13.09
C PHE C 399 -30.30 -25.52 -13.08
N PRO C 400 -31.34 -24.76 -13.52
CA PRO C 400 -32.72 -25.28 -13.59
C PRO C 400 -32.82 -26.50 -14.53
N GLY C 401 -32.06 -26.49 -15.62
CA GLY C 401 -31.91 -27.65 -16.51
C GLY C 401 -31.32 -28.84 -15.78
N SER C 402 -31.18 -29.95 -16.49
CA SER C 402 -30.55 -31.21 -16.01
C SER C 402 -29.08 -31.19 -16.38
N GLY C 403 -28.24 -31.94 -15.66
CA GLY C 403 -26.81 -32.09 -15.98
C GLY C 403 -26.61 -32.30 -17.47
N GLU C 404 -27.47 -33.14 -18.07
CA GLU C 404 -27.38 -33.58 -19.48
C GLU C 404 -27.71 -32.39 -20.40
N GLU C 405 -28.80 -31.67 -20.10
CA GLU C 405 -29.25 -30.49 -20.86
C GLU C 405 -28.20 -29.36 -20.74
N VAL C 406 -27.60 -29.17 -19.56
CA VAL C 406 -26.54 -28.15 -19.33
C VAL C 406 -25.31 -28.50 -20.17
N GLU C 407 -24.84 -29.74 -20.05
CA GLU C 407 -23.62 -30.22 -20.74
C GLU C 407 -23.81 -30.03 -22.25
N GLU C 408 -24.95 -30.50 -22.77
CA GLU C 408 -25.32 -30.41 -24.20
C GLU C 408 -25.21 -28.95 -24.67
N LEU C 409 -25.90 -28.04 -23.99
CA LEU C 409 -25.99 -26.60 -24.39
C LEU C 409 -24.59 -26.01 -24.46
N LEU C 410 -23.75 -26.28 -23.45
CA LEU C 410 -22.38 -25.73 -23.32
C LEU C 410 -21.48 -26.25 -24.44
N GLU C 411 -21.86 -27.34 -25.11
CA GLU C 411 -21.05 -27.95 -26.20
C GLU C 411 -21.48 -27.39 -27.57
N ASN C 412 -22.64 -26.69 -27.63
CA ASN C 412 -23.20 -26.17 -28.92
C ASN C 412 -22.21 -25.22 -29.59
N GLN C 413 -21.62 -24.29 -28.82
CA GLN C 413 -20.61 -23.32 -29.31
C GLN C 413 -19.30 -24.09 -29.51
N LYS C 414 -18.88 -24.22 -30.77
CA LYS C 414 -17.70 -25.04 -31.17
C LYS C 414 -16.45 -24.14 -31.15
N GLU C 415 -16.65 -22.85 -31.35
CA GLU C 415 -15.55 -21.85 -31.33
C GLU C 415 -15.17 -21.53 -29.89
N SER C 416 -14.06 -20.82 -29.71
CA SER C 416 -13.52 -20.35 -28.42
C SER C 416 -13.15 -18.87 -28.51
N TYR C 417 -13.40 -18.11 -27.44
CA TYR C 417 -12.91 -16.72 -27.23
C TYR C 417 -13.72 -15.72 -28.05
N PHE C 418 -13.63 -15.80 -29.39
CA PHE C 418 -14.35 -14.93 -30.35
C PHE C 418 -15.22 -15.78 -31.29
N VAL C 419 -16.46 -15.36 -31.47
CA VAL C 419 -17.49 -16.11 -32.24
C VAL C 419 -18.20 -15.11 -33.15
N ASP C 420 -19.04 -15.63 -34.04
CA ASP C 420 -19.98 -14.84 -34.87
C ASP C 420 -21.02 -14.19 -33.96
N GLY C 421 -21.11 -12.86 -33.96
CA GLY C 421 -22.08 -12.11 -33.13
C GLY C 421 -23.35 -11.75 -33.88
N GLN C 422 -23.47 -12.15 -35.14
CA GLN C 422 -24.66 -11.84 -35.98
C GLN C 422 -25.90 -12.38 -35.31
N PRO C 423 -26.98 -11.58 -35.16
CA PRO C 423 -28.25 -12.07 -34.62
C PRO C 423 -28.83 -13.18 -35.51
N ARG C 424 -29.62 -14.11 -34.95
CA ARG C 424 -30.23 -15.25 -35.69
C ARG C 424 -31.75 -15.14 -35.69
C BEZ D . 18.63 16.92 -1.41
O1 BEZ D . 18.60 15.77 -0.95
O2 BEZ D . 18.48 17.21 -2.63
C1 BEZ D . 18.87 18.04 -0.44
C2 BEZ D . 18.47 19.33 -0.75
C3 BEZ D . 18.67 20.35 0.15
C4 BEZ D . 19.28 20.10 1.36
C5 BEZ D . 19.67 18.82 1.68
C6 BEZ D . 19.47 17.78 0.78
C1 GOL E . 32.50 21.63 4.39
O1 GOL E . 31.57 22.44 5.11
C2 GOL E . 33.55 22.49 3.69
O2 GOL E . 34.66 22.70 4.55
C3 GOL E . 34.02 21.90 2.38
O3 GOL E . 33.79 20.49 2.30
CA CA F . 16.70 29.60 -29.48
CA CA G . 20.82 24.26 9.92
C BEZ H . -2.06 -13.29 20.74
O1 BEZ H . -1.34 -12.61 21.51
O2 BEZ H . -1.82 -13.50 19.54
C1 BEZ H . -3.32 -13.87 21.29
C2 BEZ H . -3.80 -15.08 20.84
C3 BEZ H . -4.97 -15.61 21.35
C4 BEZ H . -5.68 -14.93 22.31
C5 BEZ H . -5.21 -13.71 22.77
C6 BEZ H . -4.04 -13.18 22.26
C1 GOL I . -6.35 -27.30 27.08
O1 GOL I . -7.69 -27.74 27.30
C2 GOL I . -5.34 -28.30 27.59
O2 GOL I . -4.65 -28.88 26.48
C3 GOL I . -4.34 -27.73 28.57
O3 GOL I . -3.01 -27.81 28.05
C BEZ J . -9.90 -8.47 -21.05
O1 BEZ J . -10.61 -9.33 -20.49
O2 BEZ J . -8.73 -8.23 -20.74
C1 BEZ J . -10.51 -7.67 -22.17
C2 BEZ J . -9.73 -7.25 -23.23
C3 BEZ J . -10.28 -6.51 -24.26
C4 BEZ J . -11.61 -6.18 -24.23
C5 BEZ J . -12.40 -6.58 -23.18
C6 BEZ J . -11.86 -7.33 -22.14
C1 GOL K . -8.63 -9.26 -37.77
O1 GOL K . -9.39 -8.28 -37.07
C2 GOL K . -8.56 -10.56 -36.98
O2 GOL K . -9.84 -11.19 -36.95
C3 GOL K . -7.55 -11.54 -37.54
O3 GOL K . -7.60 -12.78 -36.84
CA CA L . 3.73 10.16 -37.03
#